data_9CB7
#
_entry.id   9CB7
#
loop_
_entity.id
_entity.type
_entity.pdbx_description
1 polymer 'Histone H3'
2 polymer 'Histone H4'
3 polymer 'Histone H2A.1'
4 polymer 'Histone H2B.1'
5 polymer 'DNA (227-MER)'
6 polymer 'DNA (227-MER)'
7 polymer 'Chromatin-remodeling ATPase INO80'
8 polymer 'Ino eighty subunit 2'
#
loop_
_entity_poly.entity_id
_entity_poly.type
_entity_poly.pdbx_seq_one_letter_code
_entity_poly.pdbx_strand_id
1 'polypeptide(L)'
;MARTKQTARKSTGGKAPRKQLASKAARKSAPSTGGVKKPHRYKPGTVALREIRRFQKSTELLIRKLPFQRLVREIAQDFK
TDLRFQSSAIGALQESVEAYLVSLFEDTNLAAIHAKRVTIQKKDIKLARRLRGERS
;
A,E
2 'polypeptide(L)'
;MSGRGKGGKGLGKGGAKRHRKVLRDNIQGITKPAIRRLARRGGVKRISGLIYEETRGVLKVFLENVIRDAVTYTEHAKRK
TVTAMDVVYALKRQGRTLYGFGG
;
B,F
3 'polypeptide(L)'
;MSGGKGGKAGSAAKASQSRSAKAGLTFPVGRVHRLLRRGNYAQRIGSGAPVYLTAVLEYLAAEILELAGNAARDNKKTRI
IPRHLQLAIRNDDELNKLLGNVTIAQGGVLPNIHQNLLPKKSAKATKASQEL
;
C,G
4 'polypeptide(L)'
;MSAKAEKKPASKAPAEKKPAAKKTSTSTDGKKRSKARKETYSSYIYKVLKQTHPDTGISQKSMSILNSFVNDIFERIATE
ASKLAAYNKKSTISAREIQTAVRLILPGELAKHAVSEGTRAVTKYSSSTQA
;
D,H
5 'polydeoxyribonucleotide'
;(DT)(DC)(DG)(DG)(DT)(DA)(DC)(DC)(DC)(DG)(DG)(DG)(DG)(DA)(DT)(DC)(DC)(DT)(DC)(DT)
(DA)(DG)(DA)(DG)(DT)(DG)(DG)(DG)(DA)(DG)(DC)(DT)(DC)(DG)(DG)(DA)(DA)(DC)(DA)(DC)
(DT)(DA)(DT)(DC)(DC)(DG)(DA)(DC)(DT)(DG)(DG)(DC)(DA)(DC)(DC)(DG)(DG)(DC)(DA)(DA)
(DG)(DG)(DT)(DC)(DG)(DC)(DT)(DG)(DT)(DT)(DC)(DA)(DA)(DT)(DA)(DC)(DA)(DT)(DG)(DC)
(DA)(DC)(DA)(DG)(DG)(DA)(DT)(DG)(DT)(DA)(DT)(DA)(DT)(DA)(DT)(DC)(DT)(DG)(DA)(DC)
(DA)(DC)(DG)(DT)(DG)(DC)(DC)(DT)(DG)(DG)(DA)(DG)(DA)(DC)(DT)(DA)(DG)(DG)(DG)(DA)
(DG)(DT)(DA)(DA)(DT)(DC)(DC)(DC)(DC)(DT)(DT)(DG)(DG)(DC)(DG)(DG)(DT)(DT)(DA)(DA)
(DA)(DA)(DC)(DG)(DC)(DG)(DG)(DG)(DG)(DG)(DA)(DC)(DA)(DG)(DC)(DG)(DC)(DG)(DT)(DA)
(DC)(DG)(DT)(DG)(DC)(DG)(DT)(DT)(DT)(DA)(DA)(DG)(DC)(DG)(DG)(DT)(DG)(DC)(DT)(DA)
(DG)(DA)(DG)(DC)(DT)(DG)(DT)(DC)(DT)(DA)(DC)(DG)(DA)(DC)(DC)(DA)(DA)(DT)(DT)(DG)
(DA)(DG)(DC)(DG)(DG)(DC)(DC)(DT)(DC)(DG)(DG)(DC)(DA)(DC)(DC)(DG)(DG)(DG)(DA)(DT)
(DT)(DC)(DT)(DC)(DC)(DA)(DG)
;
I
6 'polydeoxyribonucleotide'
;(DC)(DT)(DG)(DG)(DA)(DG)(DA)(DA)(DT)(DC)(DC)(DC)(DG)(DG)(DT)(DG)(DC)(DC)(DG)(DA)
(DG)(DG)(DC)(DC)(DG)(DC)(DT)(DC)(DA)(DA)(DT)(DT)(DG)(DG)(DT)(DC)(DG)(DT)(DA)(DG)
(DA)(DC)(DA)(DG)(DC)(DT)(DC)(DT)(DA)(DG)(DC)(DA)(DC)(DC)(DG)(DC)(DT)(DT)(DA)(DA)
(DA)(DC)(DG)(DC)(DA)(DC)(DG)(DT)(DA)(DC)(DG)(DC)(DG)(DC)(DT)(DG)(DT)(DC)(DC)(DC)
(DC)(DC)(DG)(DC)(DG)(DT)(DT)(DT)(DT)(DA)(DA)(DC)(DC)(DG)(DC)(DC)(DA)(DA)(DG)(DG)
(DG)(DG)(DA)(DT)(DT)(DA)(DC)(DT)(DC)(DC)(DC)(DT)(DA)(DG)(DT)(DC)(DT)(DC)(DC)(DA)
(DG)(DG)(DC)(DA)(DC)(DG)(DT)(DG)(DT)(DC)(DA)(DG)(DA)(DT)(DA)(DT)(DA)(DT)(DA)(DC)
(DA)(DT)(DC)(DC)(DT)(DG)(DT)(DG)(DC)(DA)(DT)(DG)(DT)(DA)(DT)(DT)(DG)(DA)(DA)(DC)
(DA)(DG)(DC)(DG)(DA)(DC)(DC)(DT)(DT)(DG)(DC)(DC)(DG)(DG)(DT)(DG)(DC)(DC)(DA)(DG)
(DT)(DC)(DG)(DG)(DA)(DT)(DA)(DG)(DT)(DG)(DT)(DT)(DC)(DC)(DG)(DA)(DG)(DC)(DT)(DC)
(DC)(DC)(DA)(DC)(DT)(DC)(DT)(DA)(DG)(DA)(DG)(DG)(DA)(DT)(DC)(DC)(DC)(DC)(DG)(DG)
(DG)(DT)(DA)(DC)(DC)(DG)(DA)
;
J
7 'polypeptide(L)'
;MSLAVLLNKEDKDISDFSKTTAGKSAKKNSRERVADVAPTRVLDKKQAYLSQLNSEFNRIKRRDSIEQLYQDWKFINLQE
FELISEWNQQSKDWQFDNTNDSQDLHFKKLYRDMSMINKEWAEYQSFKNANLSDIINEKDADEDEEDDEDELEDGEEDME
EDEASTGRHTNGKSMRGNGIQKSRKKDAAAAAAIGKAIKDDQTHADTVVTVNGDENEDGNNGEDEDNDNDNENNNDNDND
NENENDNDSDNDDEEENGEEDEEEEEIEDLDEEDFAAFEEQDDNDDEDFNPDVEKRRKRSSSSSSSTKLSMNSLSLITSK
KINKNITINSDRPKIVRELIKMCNKNKHQKIKKRRFTNCIVTDYNPIDSKLNIKITLKQYHVKRLKKLINDAKREREREE
ALKNNVGLDGNDLDNDEDGSESHKRRKLNNNTANGADDANKRKFNTRHGLPTYGMKMNAKEARAIQRHYDNTYTTIWKDM
ARKDSTKMSRLVQQIQSIRSTNFRKTSSLCAREAKKWQSKNFKQIKDFQTRARRGIREMSNFWKKNEREERDLKKKIEKE
AMEQAKKEEEEKESKRQAKKLNFLLTQTELYSHFIGRKIKTNELEGNNVSSNDSESQKNIDISALAPNKNDFHAIDFDNE
NDEQLRLRAAENASNALAETRAKAKQFDDHANAHEEEEEEDELNFQNPTSLGEITIEQPKILACTLKEYQLKGLNWLANL
YDQGINGILADEMGLGKTVQSISVLAHLAENHNIWGPFLVVTPASTLHNWVNEISKFLPQFKILPYWGNANDRKVLRKFW
DRKNLRYNKNAPFHVMVTSYQMVVTDANYLQKMKWQYMILDEAQAIKSSQSSRWKNLLSFHCRNRLLLTGTPIQNSMQEL
WALLHFIMPSLFDSHDEFNEWFSKDIESHAEANTKLNQQQLRRLHMILKPFMLRRVKKNVQSELGDKIEIDVLCDLTQRQ
AKLYQVLKSQISTNYDAIENAATNDSTSNSASNSGSDQNLINAVMQFRKVCNHPDLFERADVDSPFSFTTFGKTTSMLTA
SVANNNSSVISNSNMNLSSMSSNNISNGKFTDLIYSSRNPIKYSLPRLIYEDLILPNYNNDVDIANKLKNVKFNIFNPST
NYELCLFLSKLTGEPSLNEFFRVSTTPLLKRVIERTNGPKNTDSLSFKTITQELLEVTRNAPSEGVMASLLNVEKHAYER
EYLNCIQRGYHPNVSAPPVTIEVLGSSHVTNSINNELFDPLISQALSDIPAITQYNMHVKKGIPVEDFPKTGLFPEPLNK
NFSSNISMPSMDRFITESAKLRKLDELLVKLKSEGHRVLIYFQMTKMMDLMEEYLTYRQYNHIRLDGSSKLEDRRDLVHD
WQTNPEIFVFLLSTRAGGLGINLTAADTVIFYDSDWNPTIDSQAMDRAHRLGQTRQVTVYRLLVRGTIEERMRDRAKQKE
QVQQVVMEGKTQEKNIKTIEVGENDSEVTREGSKSISQDGIKEAASALA
;
Q
8 'polypeptide(L)'
;MDSEASDIEAELSDSVSAGGEEYIDDDDYTEDIDDQIVTAKSSRRTARRSVPKGVRTSKRIRDKELSVEVDEDYDEEEDV
LSPSKKRHLHTRSMDKRQVAATASEKSDIGDSKGNDGEIEDGILEEEESLEKELNRGGGKEVEKSEESYYAQNDVGQKGE
EEQDGESGGYEDNEPSISKESDELVSVVNGNGNEEDDEVEATKENTTDSTRSTTTRSKMLLDLLEDGGSKKKLTDEEIQL
RRAENARKRKNLSEKRLEEEKQDTINKLLKKRAGKSRSHLPNDDEKNDGSSSFVKPRRPYNSEGMTRILRRYEEDLFCTF
;
Z
#
# COMPACT_ATOMS: atom_id res chain seq x y z
N PRO A 39 40.34 -2.51 15.75
CA PRO A 39 39.54 -3.46 14.99
C PRO A 39 39.77 -3.36 13.49
N HIS A 40 38.78 -3.75 12.70
CA HIS A 40 38.84 -3.67 11.25
C HIS A 40 37.73 -2.75 10.75
N ARG A 41 38.11 -1.74 9.98
CA ARG A 41 37.16 -0.82 9.37
C ARG A 41 37.01 -1.15 7.89
N TYR A 42 36.03 -0.51 7.25
CA TYR A 42 35.83 -0.64 5.82
C TYR A 42 36.15 0.68 5.14
N LYS A 43 36.23 0.63 3.81
CA LYS A 43 36.48 1.84 3.04
C LYS A 43 35.25 2.74 3.10
N PRO A 44 35.43 4.05 3.31
CA PRO A 44 34.29 4.96 3.32
C PRO A 44 33.66 5.07 1.95
N GLY A 45 32.45 4.53 1.81
CA GLY A 45 31.78 4.40 0.55
C GLY A 45 31.30 2.99 0.24
N THR A 46 32.01 1.97 0.69
CA THR A 46 31.57 0.60 0.46
C THR A 46 30.38 0.24 1.34
N VAL A 47 30.40 0.67 2.59
CA VAL A 47 29.24 0.54 3.46
C VAL A 47 28.12 1.49 3.00
N ALA A 48 28.50 2.62 2.39
CA ALA A 48 27.52 3.56 1.85
C ALA A 48 26.71 2.92 0.72
N LEU A 49 27.38 2.17 -0.16
CA LEU A 49 26.65 1.47 -1.22
C LEU A 49 25.77 0.36 -0.68
N ARG A 50 26.20 -0.28 0.42
CA ARG A 50 25.38 -1.28 1.10
C ARG A 50 24.08 -0.67 1.61
N GLU A 51 24.16 0.48 2.26
CA GLU A 51 22.93 1.10 2.71
C GLU A 51 22.16 1.80 1.59
N ILE A 52 22.83 2.15 0.48
CA ILE A 52 22.13 2.65 -0.70
C ILE A 52 21.21 1.55 -1.26
N ARG A 53 21.75 0.33 -1.41
CA ARG A 53 20.90 -0.74 -1.91
C ARG A 53 19.92 -1.23 -0.87
N ARG A 54 20.22 -1.03 0.42
CA ARG A 54 19.22 -1.31 1.46
C ARG A 54 18.04 -0.36 1.38
N PHE A 55 18.30 0.94 1.16
CA PHE A 55 17.20 1.89 1.05
C PHE A 55 16.43 1.73 -0.25
N GLN A 56 17.13 1.42 -1.35
CA GLN A 56 16.43 1.19 -2.60
C GLN A 56 15.71 -0.14 -2.63
N LYS A 57 16.08 -1.08 -1.76
CA LYS A 57 15.30 -2.31 -1.64
C LYS A 57 14.13 -2.14 -0.68
N SER A 58 14.08 -1.01 0.05
CA SER A 58 13.03 -0.80 1.02
C SER A 58 11.75 -0.32 0.36
N THR A 59 10.67 -0.34 1.13
CA THR A 59 9.34 0.04 0.64
C THR A 59 8.72 1.10 1.53
N GLU A 60 8.99 1.03 2.83
CA GLU A 60 8.30 1.84 3.83
C GLU A 60 8.77 3.29 3.81
N LEU A 61 8.14 4.09 4.66
CA LEU A 61 8.36 5.53 4.71
C LEU A 61 9.36 5.86 5.81
N LEU A 62 10.16 6.90 5.59
CA LEU A 62 11.35 7.13 6.40
C LEU A 62 11.32 8.44 7.20
N ILE A 63 10.16 9.05 7.35
CA ILE A 63 10.00 10.21 8.24
C ILE A 63 8.89 9.89 9.21
N ARG A 64 9.10 10.25 10.48
CA ARG A 64 8.15 9.95 11.54
C ARG A 64 6.85 10.71 11.34
N LYS A 65 5.75 10.08 11.77
CA LYS A 65 4.43 10.57 11.41
C LYS A 65 4.04 11.79 12.24
N LEU A 66 4.44 11.83 13.50
CA LEU A 66 4.11 12.96 14.36
C LEU A 66 4.72 14.30 13.93
N PRO A 67 6.02 14.43 13.59
CA PRO A 67 6.49 15.75 13.11
C PRO A 67 5.87 16.19 11.80
N PHE A 68 5.59 15.24 10.89
CA PHE A 68 4.93 15.61 9.65
C PHE A 68 3.48 16.02 9.89
N GLN A 69 2.82 15.34 10.83
CA GLN A 69 1.47 15.72 11.23
C GLN A 69 1.43 17.11 11.83
N ARG A 70 2.37 17.43 12.71
CA ARG A 70 2.43 18.76 13.29
C ARG A 70 2.80 19.81 12.24
N LEU A 71 3.63 19.44 11.28
CA LEU A 71 4.02 20.36 10.22
C LEU A 71 2.83 20.69 9.32
N VAL A 72 2.05 19.68 8.93
CA VAL A 72 0.92 19.95 8.05
C VAL A 72 -0.20 20.63 8.83
N ARG A 73 -0.29 20.40 10.14
CA ARG A 73 -1.30 21.11 10.92
C ARG A 73 -0.93 22.56 11.12
N GLU A 74 0.36 22.86 11.31
CA GLU A 74 0.80 24.24 11.43
C GLU A 74 0.94 24.95 10.09
N ILE A 75 0.93 24.23 8.98
CA ILE A 75 0.91 24.88 7.67
C ILE A 75 -0.50 24.96 7.11
N ALA A 76 -1.46 24.24 7.68
CA ALA A 76 -2.85 24.30 7.25
C ALA A 76 -3.65 25.39 7.95
N GLN A 77 -3.12 25.97 9.03
CA GLN A 77 -3.92 26.88 9.85
C GLN A 77 -4.08 28.26 9.22
N ASP A 78 -3.13 28.68 8.38
CA ASP A 78 -3.16 30.05 7.85
C ASP A 78 -4.30 30.26 6.87
N PHE A 79 -4.58 29.25 6.03
CA PHE A 79 -5.69 29.37 5.10
C PHE A 79 -7.02 29.24 5.82
N LYS A 80 -7.09 28.35 6.82
CA LYS A 80 -8.32 28.12 7.55
C LYS A 80 -7.96 27.50 8.89
N THR A 81 -8.59 27.98 9.96
CA THR A 81 -8.36 27.43 11.29
C THR A 81 -9.12 26.12 11.46
N ASP A 82 -9.01 25.57 12.69
CA ASP A 82 -9.66 24.39 13.30
C ASP A 82 -9.96 23.26 12.31
N LEU A 83 -8.96 22.91 11.51
CA LEU A 83 -9.14 22.05 10.36
C LEU A 83 -8.72 20.63 10.72
N ARG A 84 -9.71 19.74 10.86
CA ARG A 84 -9.40 18.35 11.15
C ARG A 84 -8.89 17.66 9.88
N PHE A 85 -8.32 16.47 10.07
CA PHE A 85 -7.66 15.77 8.97
C PHE A 85 -7.94 14.28 9.04
N GLN A 86 -8.25 13.71 7.87
CA GLN A 86 -8.28 12.27 7.70
C GLN A 86 -6.85 11.74 7.72
N SER A 87 -6.65 10.58 8.34
CA SER A 87 -5.31 9.99 8.45
C SER A 87 -4.75 9.58 7.10
N SER A 88 -5.58 8.99 6.24
CA SER A 88 -5.12 8.58 4.92
C SER A 88 -4.83 9.78 4.02
N ALA A 89 -5.45 10.93 4.30
CA ALA A 89 -5.05 12.16 3.63
C ALA A 89 -3.64 12.55 4.01
N ILE A 90 -3.28 12.40 5.29
CA ILE A 90 -1.93 12.69 5.74
C ILE A 90 -0.95 11.71 5.10
N GLY A 91 -1.35 10.45 4.95
CA GLY A 91 -0.55 9.50 4.21
C GLY A 91 -0.38 9.86 2.75
N ALA A 92 -1.41 10.47 2.15
CA ALA A 92 -1.31 10.94 0.77
C ALA A 92 -0.29 12.07 0.64
N LEU A 93 -0.37 13.08 1.54
CA LEU A 93 0.62 14.15 1.57
C LEU A 93 2.02 13.59 1.76
N GLN A 94 2.14 12.61 2.66
CA GLN A 94 3.39 11.90 2.92
C GLN A 94 3.97 11.32 1.65
N GLU A 95 3.31 10.32 1.08
CA GLU A 95 3.94 9.56 0.00
C GLU A 95 4.11 10.38 -1.27
N SER A 96 3.24 11.38 -1.47
CA SER A 96 3.48 12.37 -2.52
C SER A 96 4.76 13.14 -2.27
N VAL A 97 5.04 13.52 -1.02
CA VAL A 97 6.20 14.38 -0.88
C VAL A 97 7.49 13.55 -0.81
N GLU A 98 7.47 12.28 -0.39
CA GLU A 98 8.69 11.50 -0.62
C GLU A 98 8.90 11.21 -2.10
N ALA A 99 7.84 11.07 -2.90
CA ALA A 99 8.03 10.90 -4.34
C ALA A 99 8.68 12.15 -4.96
N TYR A 100 8.20 13.33 -4.56
CA TYR A 100 8.79 14.56 -5.06
C TYR A 100 10.24 14.71 -4.61
N LEU A 101 10.53 14.37 -3.36
CA LEU A 101 11.90 14.53 -2.86
C LEU A 101 12.86 13.52 -3.46
N VAL A 102 12.42 12.29 -3.73
CA VAL A 102 13.35 11.36 -4.36
C VAL A 102 13.60 11.74 -5.82
N SER A 103 12.59 12.29 -6.52
CA SER A 103 12.83 12.78 -7.87
C SER A 103 13.79 13.97 -7.88
N LEU A 104 13.59 14.90 -6.94
CA LEU A 104 14.43 16.08 -6.84
C LEU A 104 15.86 15.72 -6.46
N PHE A 105 16.03 14.79 -5.52
CA PHE A 105 17.37 14.39 -5.12
C PHE A 105 18.05 13.59 -6.21
N GLU A 106 17.29 12.82 -6.99
CA GLU A 106 17.87 12.02 -8.06
C GLU A 106 18.40 12.92 -9.19
N ASP A 107 17.59 13.87 -9.67
CA ASP A 107 18.13 14.68 -10.75
C ASP A 107 19.07 15.76 -10.24
N THR A 108 19.02 16.07 -8.93
CA THR A 108 20.07 16.89 -8.34
C THR A 108 21.40 16.15 -8.32
N ASN A 109 21.37 14.85 -8.03
CA ASN A 109 22.57 14.03 -8.10
C ASN A 109 23.12 13.97 -9.52
N LEU A 110 22.23 13.85 -10.51
CA LEU A 110 22.70 13.86 -11.90
C LEU A 110 23.24 15.24 -12.31
N ALA A 111 22.65 16.31 -11.78
CA ALA A 111 23.18 17.65 -12.05
C ALA A 111 24.55 17.83 -11.41
N ALA A 112 24.76 17.25 -10.23
CA ALA A 112 26.06 17.32 -9.58
C ALA A 112 27.09 16.46 -10.32
N ILE A 113 26.67 15.28 -10.81
CA ILE A 113 27.61 14.42 -11.52
C ILE A 113 27.91 14.95 -12.91
N HIS A 114 27.06 15.84 -13.45
CA HIS A 114 27.47 16.59 -14.63
C HIS A 114 28.53 17.62 -14.28
N ALA A 115 28.46 18.18 -13.07
CA ALA A 115 29.30 19.30 -12.66
C ALA A 115 30.62 18.85 -12.02
N LYS A 116 31.14 17.69 -12.45
CA LYS A 116 32.44 17.10 -12.05
C LYS A 116 32.63 17.05 -10.52
N ARG A 117 31.56 16.71 -9.82
CA ARG A 117 31.60 16.65 -8.36
C ARG A 117 30.76 15.46 -7.90
N VAL A 118 30.94 15.10 -6.64
CA VAL A 118 30.09 14.12 -5.97
C VAL A 118 29.42 14.83 -4.81
N THR A 119 30.07 15.88 -4.30
CA THR A 119 29.47 16.71 -3.27
C THR A 119 28.44 17.65 -3.88
N ILE A 120 27.30 17.79 -3.20
CA ILE A 120 26.14 18.49 -3.72
C ILE A 120 25.97 19.79 -2.96
N GLN A 121 25.82 20.90 -3.69
CA GLN A 121 25.77 22.23 -3.12
C GLN A 121 24.42 22.90 -3.40
N LYS A 122 24.31 24.15 -2.95
CA LYS A 122 23.08 24.92 -3.09
C LYS A 122 22.77 25.20 -4.56
N LYS A 123 23.81 25.47 -5.35
CA LYS A 123 23.62 25.79 -6.77
C LYS A 123 23.08 24.61 -7.56
N ASP A 124 23.31 23.37 -7.10
CA ASP A 124 22.65 22.22 -7.71
C ASP A 124 21.14 22.29 -7.52
N ILE A 125 20.68 22.66 -6.32
CA ILE A 125 19.26 22.83 -6.06
C ILE A 125 18.68 23.95 -6.90
N LYS A 126 19.39 25.08 -6.99
CA LYS A 126 18.91 26.20 -7.80
C LYS A 126 18.83 25.84 -9.27
N LEU A 127 19.82 25.08 -9.78
CA LEU A 127 19.82 24.67 -11.17
C LEU A 127 18.70 23.68 -11.46
N ALA A 128 18.49 22.71 -10.56
CA ALA A 128 17.44 21.71 -10.78
C ALA A 128 16.05 22.34 -10.69
N ARG A 129 15.85 23.29 -9.77
CA ARG A 129 14.57 23.96 -9.69
C ARG A 129 14.36 24.93 -10.83
N ARG A 130 15.45 25.41 -11.45
CA ARG A 130 15.33 26.17 -12.68
C ARG A 130 14.89 25.26 -13.84
N LEU A 131 15.49 24.09 -13.95
CA LEU A 131 15.20 23.21 -15.08
C LEU A 131 13.86 22.49 -14.96
N ARG A 132 13.40 22.23 -13.73
CA ARG A 132 12.01 21.78 -13.60
C ARG A 132 11.01 22.87 -13.93
N GLY A 133 11.34 24.13 -13.67
CA GLY A 133 10.55 25.26 -14.10
C GLY A 133 9.80 25.96 -12.99
N GLU A 134 9.45 25.27 -11.91
CA GLU A 134 8.73 25.91 -10.83
C GLU A 134 9.66 26.84 -10.04
N ARG A 135 9.04 27.83 -9.39
CA ARG A 135 9.78 28.85 -8.67
C ARG A 135 9.50 28.80 -7.18
N LEU B 23 8.41 29.81 14.94
CA LEU B 23 7.74 29.65 16.23
C LEU B 23 8.20 28.41 16.95
N ARG B 24 7.75 27.26 16.48
CA ARG B 24 8.00 25.96 17.08
C ARG B 24 8.91 25.17 16.14
N ASP B 25 9.45 24.06 16.63
CA ASP B 25 10.27 23.17 15.81
C ASP B 25 9.40 22.27 14.93
N ASN B 26 8.77 22.89 13.93
CA ASN B 26 7.95 22.16 12.98
C ASN B 26 8.69 21.84 11.69
N ILE B 27 9.27 22.84 11.04
CA ILE B 27 10.00 22.60 9.80
C ILE B 27 11.33 21.92 10.11
N GLN B 28 11.96 22.27 11.23
CA GLN B 28 13.13 21.53 11.69
C GLN B 28 12.75 20.31 12.51
N GLY B 29 11.46 20.09 12.73
CA GLY B 29 11.01 18.82 13.27
C GLY B 29 11.28 17.67 12.33
N ILE B 30 11.25 17.93 11.03
CA ILE B 30 11.77 16.98 10.05
C ILE B 30 13.28 16.90 10.26
N THR B 31 13.75 15.76 10.76
CA THR B 31 15.10 15.71 11.30
C THR B 31 16.14 15.56 10.20
N LYS B 32 17.35 16.04 10.50
CA LYS B 32 18.41 16.08 9.49
C LYS B 32 18.93 14.73 8.98
N PRO B 33 18.83 13.59 9.68
CA PRO B 33 19.07 12.33 8.96
C PRO B 33 17.92 11.89 8.08
N ALA B 34 16.72 12.42 8.25
CA ALA B 34 15.61 12.00 7.39
C ALA B 34 15.74 12.57 5.99
N ILE B 35 16.18 13.83 5.86
CA ILE B 35 16.51 14.39 4.55
C ILE B 35 17.62 13.60 3.90
N ARG B 36 18.59 13.16 4.69
CA ARG B 36 19.72 12.41 4.18
C ARG B 36 19.29 11.03 3.69
N ARG B 37 18.37 10.39 4.44
CA ARG B 37 17.85 9.08 4.04
C ARG B 37 16.98 9.17 2.78
N LEU B 38 16.16 10.22 2.70
CA LEU B 38 15.35 10.44 1.51
C LEU B 38 16.21 10.74 0.30
N ALA B 39 17.35 11.40 0.51
CA ALA B 39 18.31 11.61 -0.57
C ALA B 39 18.99 10.30 -0.95
N ARG B 40 19.28 9.44 0.02
CA ARG B 40 19.96 8.19 -0.31
C ARG B 40 19.00 7.15 -0.88
N ARG B 41 17.70 7.38 -0.81
CA ARG B 41 16.84 6.60 -1.69
C ARG B 41 17.14 6.88 -3.15
N GLY B 42 17.37 8.15 -3.50
CA GLY B 42 17.69 8.49 -4.87
C GLY B 42 19.08 8.07 -5.31
N GLY B 43 20.01 7.93 -4.37
CA GLY B 43 21.33 7.44 -4.67
C GLY B 43 22.46 8.44 -4.62
N VAL B 44 22.40 9.41 -3.70
CA VAL B 44 23.49 10.38 -3.57
C VAL B 44 24.57 9.77 -2.70
N LYS B 45 25.76 10.38 -2.70
CA LYS B 45 26.88 9.90 -1.90
C LYS B 45 27.32 10.94 -0.87
N ARG B 46 27.68 12.14 -1.30
CA ARG B 46 28.19 13.18 -0.42
C ARG B 46 27.17 14.31 -0.32
N ILE B 47 26.84 14.68 0.91
CA ILE B 47 25.82 15.69 1.17
C ILE B 47 26.46 16.79 2.00
N SER B 48 26.35 18.03 1.52
CA SER B 48 26.86 19.16 2.28
C SER B 48 25.93 19.47 3.45
N GLY B 49 26.48 20.18 4.43
CA GLY B 49 25.72 20.48 5.63
C GLY B 49 24.69 21.58 5.47
N LEU B 50 24.91 22.50 4.54
CA LEU B 50 24.02 23.65 4.37
C LEU B 50 22.80 23.33 3.50
N ILE B 51 22.70 22.11 2.99
CA ILE B 51 21.59 21.71 2.13
C ILE B 51 20.30 21.54 2.92
N TYR B 52 20.38 21.39 4.25
CA TYR B 52 19.25 20.89 5.02
C TYR B 52 18.15 21.94 5.16
N GLU B 53 18.51 23.19 5.46
CA GLU B 53 17.50 24.23 5.58
C GLU B 53 16.93 24.64 4.22
N GLU B 54 17.73 24.53 3.16
CA GLU B 54 17.22 24.81 1.82
C GLU B 54 16.24 23.75 1.38
N THR B 55 16.53 22.48 1.68
CA THR B 55 15.58 21.41 1.40
C THR B 55 14.33 21.53 2.27
N ARG B 56 14.48 22.03 3.50
CA ARG B 56 13.32 22.30 4.34
C ARG B 56 12.43 23.37 3.72
N GLY B 57 13.05 24.40 3.15
CA GLY B 57 12.30 25.39 2.38
C GLY B 57 11.60 24.78 1.17
N VAL B 58 12.27 23.82 0.51
CA VAL B 58 11.68 23.16 -0.65
C VAL B 58 10.45 22.32 -0.25
N LEU B 59 10.57 21.56 0.85
CA LEU B 59 9.43 20.89 1.47
C LEU B 59 8.27 21.84 1.75
N LYS B 60 8.54 22.94 2.46
CA LYS B 60 7.41 23.79 2.87
C LYS B 60 6.78 24.50 1.68
N VAL B 61 7.58 24.86 0.65
CA VAL B 61 7.02 25.57 -0.48
C VAL B 61 6.24 24.61 -1.38
N PHE B 62 6.57 23.32 -1.36
CA PHE B 62 5.69 22.34 -2.01
C PHE B 62 4.39 22.18 -1.23
N LEU B 63 4.48 22.19 0.10
CA LEU B 63 3.29 22.00 0.92
C LEU B 63 2.26 23.12 0.79
N GLU B 64 2.65 24.42 0.72
CA GLU B 64 1.51 25.36 0.75
C GLU B 64 0.78 25.40 -0.58
N ASN B 65 1.47 25.25 -1.71
CA ASN B 65 0.76 25.29 -2.96
C ASN B 65 0.20 23.93 -3.38
N VAL B 66 0.36 22.90 -2.55
CA VAL B 66 -0.59 21.79 -2.68
C VAL B 66 -1.75 21.95 -1.69
N ILE B 67 -1.51 22.51 -0.51
CA ILE B 67 -2.54 22.42 0.51
C ILE B 67 -3.55 23.54 0.36
N ARG B 68 -3.23 24.62 -0.37
CA ARG B 68 -4.25 25.62 -0.67
C ARG B 68 -5.31 25.06 -1.60
N ASP B 69 -4.90 24.26 -2.58
CA ASP B 69 -5.86 23.61 -3.46
C ASP B 69 -6.66 22.56 -2.69
N ALA B 70 -6.00 21.82 -1.80
CA ALA B 70 -6.68 20.84 -0.97
C ALA B 70 -7.73 21.50 -0.08
N VAL B 71 -7.42 22.65 0.51
CA VAL B 71 -8.41 23.26 1.40
C VAL B 71 -9.51 23.97 0.61
N THR B 72 -9.23 24.49 -0.59
CA THR B 72 -10.32 25.09 -1.36
C THR B 72 -11.33 24.03 -1.79
N TYR B 73 -10.82 22.84 -2.16
CA TYR B 73 -11.71 21.70 -2.32
C TYR B 73 -12.40 21.32 -1.01
N THR B 74 -11.76 21.57 0.14
CA THR B 74 -12.35 21.17 1.41
C THR B 74 -13.55 22.04 1.78
N GLU B 75 -13.41 23.37 1.83
CA GLU B 75 -14.64 24.10 2.19
C GLU B 75 -15.57 24.30 1.00
N HIS B 76 -15.18 23.89 -0.21
CA HIS B 76 -16.21 23.89 -1.25
C HIS B 76 -17.27 22.84 -1.00
N ALA B 77 -16.92 21.74 -0.33
CA ALA B 77 -17.90 20.71 -0.02
C ALA B 77 -18.68 20.96 1.25
N LYS B 78 -18.55 22.16 1.85
CA LYS B 78 -19.15 22.53 3.14
C LYS B 78 -18.75 21.59 4.26
N ARG B 79 -17.51 21.11 4.24
CA ARG B 79 -16.95 20.31 5.32
C ARG B 79 -15.66 20.95 5.77
N LYS B 80 -15.39 20.92 7.08
CA LYS B 80 -14.19 21.52 7.61
C LYS B 80 -13.19 20.48 8.12
N THR B 81 -13.30 19.24 7.64
CA THR B 81 -12.24 18.27 7.74
C THR B 81 -11.79 17.86 6.34
N VAL B 82 -10.51 17.53 6.21
CA VAL B 82 -9.91 17.23 4.92
C VAL B 82 -9.84 15.72 4.77
N THR B 83 -10.58 15.19 3.79
CA THR B 83 -10.55 13.77 3.52
C THR B 83 -9.40 13.43 2.59
N ALA B 84 -9.32 12.16 2.19
CA ALA B 84 -8.25 11.68 1.34
C ALA B 84 -8.59 11.74 -0.14
N MET B 85 -9.75 12.27 -0.50
CA MET B 85 -10.20 12.28 -1.90
C MET B 85 -9.95 13.63 -2.55
N ASP B 86 -10.32 14.72 -1.86
CA ASP B 86 -10.09 16.04 -2.42
C ASP B 86 -8.61 16.35 -2.52
N VAL B 87 -7.79 15.77 -1.63
CA VAL B 87 -6.36 15.99 -1.73
C VAL B 87 -5.77 15.21 -2.91
N VAL B 88 -6.33 14.06 -3.26
CA VAL B 88 -5.72 13.37 -4.40
C VAL B 88 -6.19 14.02 -5.70
N TYR B 89 -7.37 14.65 -5.71
CA TYR B 89 -7.66 15.50 -6.87
C TYR B 89 -6.81 16.76 -6.88
N ALA B 90 -6.44 17.26 -5.70
CA ALA B 90 -5.54 18.41 -5.62
C ALA B 90 -4.16 18.08 -6.17
N LEU B 91 -3.66 16.87 -5.92
CA LEU B 91 -2.45 16.41 -6.58
C LEU B 91 -2.68 16.20 -8.08
N LYS B 92 -3.88 15.75 -8.45
CA LYS B 92 -4.24 15.57 -9.86
C LYS B 92 -4.28 16.91 -10.62
N ARG B 93 -4.41 18.03 -9.90
CA ARG B 93 -4.51 19.35 -10.53
C ARG B 93 -3.28 19.71 -11.35
N GLN B 94 -2.09 19.56 -10.78
CA GLN B 94 -0.88 20.00 -11.46
C GLN B 94 -0.19 18.89 -12.22
N GLY B 95 -0.80 17.71 -12.32
CA GLY B 95 -0.19 16.63 -13.08
C GLY B 95 0.77 15.78 -12.29
N ARG B 96 0.50 15.59 -10.99
CA ARG B 96 1.33 14.77 -10.14
C ARG B 96 0.46 13.72 -9.46
N THR B 97 -0.30 12.99 -10.27
CA THR B 97 -1.39 12.15 -9.77
C THR B 97 -0.87 10.97 -8.95
N LEU B 98 -1.74 10.47 -8.08
CA LEU B 98 -1.44 9.41 -7.14
C LEU B 98 -2.45 8.29 -7.29
N TYR B 99 -1.97 7.05 -7.12
CA TYR B 99 -2.83 5.88 -7.19
C TYR B 99 -2.96 5.24 -5.82
N GLY B 100 -3.99 4.41 -5.68
CA GLY B 100 -4.16 3.63 -4.47
C GLY B 100 -5.05 4.26 -3.42
N PHE B 101 -4.91 5.57 -3.23
CA PHE B 101 -5.73 6.30 -2.28
C PHE B 101 -6.95 6.91 -2.95
N GLY B 102 -7.02 6.82 -4.28
CA GLY B 102 -8.15 7.30 -5.04
C GLY B 102 -9.35 6.37 -5.05
N GLY B 103 -9.22 5.20 -4.43
CA GLY B 103 -10.33 4.26 -4.35
C GLY B 103 -11.32 4.61 -3.25
N GLN C 17 -33.83 45.05 -23.33
CA GLN C 17 -32.54 45.48 -22.80
C GLN C 17 -31.55 44.32 -22.76
N SER C 18 -30.28 44.64 -22.97
CA SER C 18 -29.22 43.64 -22.89
C SER C 18 -28.97 43.26 -21.44
N ARG C 19 -28.78 41.96 -21.20
CA ARG C 19 -28.49 41.50 -19.85
C ARG C 19 -27.07 41.87 -19.42
N SER C 20 -26.18 42.11 -20.38
CA SER C 20 -24.88 42.68 -20.06
C SER C 20 -25.00 44.11 -19.54
N ALA C 21 -25.98 44.86 -20.05
CA ALA C 21 -26.18 46.23 -19.60
C ALA C 21 -26.74 46.27 -18.19
N LYS C 22 -27.68 45.36 -17.86
CA LYS C 22 -28.25 45.35 -16.53
C LYS C 22 -27.30 44.78 -15.49
N ALA C 23 -26.23 44.13 -15.92
CA ALA C 23 -25.11 43.84 -15.03
C ALA C 23 -24.01 44.89 -15.16
N GLY C 24 -24.07 45.74 -16.16
CA GLY C 24 -23.02 46.72 -16.40
C GLY C 24 -21.72 46.14 -16.91
N LEU C 25 -21.78 45.22 -17.86
CA LEU C 25 -20.58 44.61 -18.44
C LEU C 25 -20.64 44.79 -19.95
N THR C 26 -19.47 44.71 -20.59
CA THR C 26 -19.38 44.89 -22.04
C THR C 26 -19.12 43.59 -22.79
N PHE C 27 -19.21 42.44 -22.12
CA PHE C 27 -19.04 41.16 -22.79
C PHE C 27 -20.37 40.38 -22.82
N PRO C 28 -20.62 39.58 -23.88
CA PRO C 28 -21.98 39.07 -24.11
C PRO C 28 -22.39 37.91 -23.21
N VAL C 29 -23.04 38.23 -22.08
CA VAL C 29 -23.55 37.22 -21.15
C VAL C 29 -24.45 36.22 -21.86
N GLY C 30 -25.27 36.67 -22.81
CA GLY C 30 -26.09 35.75 -23.58
C GLY C 30 -25.30 34.81 -24.47
N ARG C 31 -24.28 35.35 -25.16
CA ARG C 31 -23.48 34.52 -26.05
C ARG C 31 -22.62 33.53 -25.28
N VAL C 32 -22.04 33.95 -24.15
CA VAL C 32 -21.24 33.01 -23.38
C VAL C 32 -22.14 32.01 -22.66
N HIS C 33 -23.39 32.39 -22.35
CA HIS C 33 -24.33 31.42 -21.82
C HIS C 33 -24.71 30.39 -22.87
N ARG C 34 -24.88 30.84 -24.12
CA ARG C 34 -25.16 29.93 -25.24
C ARG C 34 -23.98 29.00 -25.50
N LEU C 35 -22.76 29.53 -25.39
CA LEU C 35 -21.57 28.69 -25.54
C LEU C 35 -21.46 27.70 -24.39
N LEU C 36 -21.87 28.09 -23.19
CA LEU C 36 -21.88 27.15 -22.07
C LEU C 36 -22.98 26.12 -22.22
N ARG C 37 -24.05 26.45 -22.94
CA ARG C 37 -25.17 25.53 -23.13
C ARG C 37 -24.77 24.31 -23.93
N ARG C 38 -24.13 24.52 -25.09
CA ARG C 38 -23.59 23.42 -25.87
C ARG C 38 -22.16 23.10 -25.51
N GLY C 39 -21.62 23.73 -24.46
CA GLY C 39 -20.28 23.41 -24.01
C GLY C 39 -20.18 22.07 -23.32
N ASN C 40 -21.32 21.45 -22.97
CA ASN C 40 -21.45 20.05 -22.57
C ASN C 40 -20.68 19.81 -21.26
N TYR C 41 -21.09 20.52 -20.22
CA TYR C 41 -20.44 20.44 -18.92
C TYR C 41 -21.32 19.85 -17.84
N ALA C 42 -22.58 20.28 -17.75
CA ALA C 42 -23.54 19.68 -16.85
C ALA C 42 -24.92 19.82 -17.49
N GLN C 43 -25.91 19.20 -16.85
CA GLN C 43 -27.25 19.21 -17.42
C GLN C 43 -27.95 20.56 -17.24
N ARG C 44 -27.71 21.28 -16.16
CA ARG C 44 -28.40 22.53 -15.92
C ARG C 44 -27.40 23.58 -15.46
N ILE C 45 -27.60 24.82 -15.90
CA ILE C 45 -26.65 25.91 -15.72
C ILE C 45 -27.34 27.05 -15.00
N GLY C 46 -26.72 27.53 -13.92
CA GLY C 46 -27.26 28.65 -13.19
C GLY C 46 -27.20 29.95 -13.95
N SER C 47 -28.08 30.87 -13.59
CA SER C 47 -28.22 32.12 -14.34
C SER C 47 -27.10 33.10 -14.06
N GLY C 48 -26.62 33.16 -12.82
CA GLY C 48 -25.57 34.11 -12.48
C GLY C 48 -24.18 33.69 -12.91
N ALA C 49 -24.02 32.43 -13.27
CA ALA C 49 -22.71 31.92 -13.68
C ALA C 49 -22.16 32.57 -14.96
N PRO C 50 -22.93 32.76 -16.05
CA PRO C 50 -22.36 33.53 -17.18
C PRO C 50 -22.09 34.98 -16.84
N VAL C 51 -22.83 35.56 -15.89
CA VAL C 51 -22.55 36.92 -15.45
C VAL C 51 -21.20 36.99 -14.75
N TYR C 52 -20.93 36.04 -13.86
CA TYR C 52 -19.66 36.00 -13.15
C TYR C 52 -18.50 35.71 -14.10
N LEU C 53 -18.71 34.79 -15.06
CA LEU C 53 -17.68 34.52 -16.06
C LEU C 53 -17.41 35.72 -16.94
N THR C 54 -18.47 36.45 -17.31
CA THR C 54 -18.34 37.68 -18.07
C THR C 54 -17.51 38.71 -17.33
N ALA C 55 -17.79 38.88 -16.03
CA ALA C 55 -17.05 39.84 -15.21
C ALA C 55 -15.58 39.46 -15.10
N VAL C 56 -15.28 38.19 -14.84
CA VAL C 56 -13.88 37.82 -14.63
C VAL C 56 -13.10 37.83 -15.95
N LEU C 57 -13.74 37.43 -17.06
CA LEU C 57 -13.05 37.48 -18.35
C LEU C 57 -12.78 38.91 -18.79
N GLU C 58 -13.73 39.84 -18.53
CA GLU C 58 -13.45 41.23 -18.88
C GLU C 58 -12.40 41.83 -17.95
N TYR C 59 -12.33 41.36 -16.70
CA TYR C 59 -11.28 41.85 -15.80
C TYR C 59 -9.90 41.44 -16.29
N LEU C 60 -9.68 40.14 -16.57
CA LEU C 60 -8.38 39.70 -17.07
C LEU C 60 -8.04 40.34 -18.42
N ALA C 61 -9.03 40.48 -19.30
CA ALA C 61 -8.81 41.21 -20.55
C ALA C 61 -8.40 42.65 -20.27
N ALA C 62 -8.98 43.26 -19.24
CA ALA C 62 -8.71 44.66 -18.92
C ALA C 62 -7.26 44.86 -18.48
N GLU C 63 -6.77 44.05 -17.54
CA GLU C 63 -5.35 44.21 -17.18
C GLU C 63 -4.38 43.80 -18.28
N ILE C 64 -4.71 42.79 -19.11
CA ILE C 64 -3.78 42.46 -20.19
C ILE C 64 -3.68 43.58 -21.23
N LEU C 65 -4.81 44.12 -21.70
CA LEU C 65 -4.69 45.18 -22.69
C LEU C 65 -4.27 46.50 -22.04
N GLU C 66 -4.44 46.65 -20.73
CA GLU C 66 -3.96 47.85 -20.06
C GLU C 66 -2.44 47.84 -19.96
N LEU C 67 -1.85 46.69 -19.59
CA LEU C 67 -0.39 46.57 -19.60
C LEU C 67 0.17 46.65 -21.02
N ALA C 68 -0.60 46.16 -22.01
CA ALA C 68 -0.21 46.32 -23.40
C ALA C 68 -0.20 47.79 -23.81
N GLY C 69 -1.18 48.55 -23.37
CA GLY C 69 -1.18 49.99 -23.63
C GLY C 69 -0.05 50.71 -22.92
N ASN C 70 0.29 50.27 -21.71
CA ASN C 70 1.43 50.83 -21.01
C ASN C 70 2.74 50.55 -21.75
N ALA C 71 2.90 49.34 -22.27
CA ALA C 71 4.07 49.01 -23.06
C ALA C 71 4.10 49.76 -24.38
N ALA C 72 2.92 50.03 -24.95
CA ALA C 72 2.85 50.84 -26.18
C ALA C 72 3.27 52.27 -25.90
N ARG C 73 2.84 52.85 -24.77
CA ARG C 73 3.29 54.18 -24.39
C ARG C 73 4.76 54.22 -24.01
N ASP C 74 5.31 53.11 -23.53
CA ASP C 74 6.72 53.10 -23.12
C ASP C 74 7.66 53.09 -24.32
N ASN C 75 7.17 52.72 -25.49
CA ASN C 75 8.00 52.64 -26.70
C ASN C 75 7.38 53.44 -27.83
N LYS C 76 6.75 54.58 -27.49
CA LYS C 76 6.26 55.65 -28.39
C LYS C 76 5.32 55.15 -29.50
N LYS C 77 4.75 53.97 -29.35
CA LYS C 77 3.96 53.33 -30.39
C LYS C 77 2.49 53.45 -30.06
N THR C 78 1.68 53.80 -31.08
CA THR C 78 0.23 53.83 -30.94
C THR C 78 -0.41 52.56 -31.47
N ARG C 79 0.38 51.54 -31.79
CA ARG C 79 -0.12 50.28 -32.29
C ARG C 79 0.36 49.14 -31.41
N ILE C 80 -0.49 48.12 -31.26
CA ILE C 80 -0.13 46.95 -30.47
C ILE C 80 0.38 45.87 -31.42
N ILE C 81 1.65 45.51 -31.26
CA ILE C 81 2.26 44.43 -32.02
C ILE C 81 2.54 43.32 -31.00
N PRO C 82 2.71 42.06 -31.41
CA PRO C 82 2.92 40.99 -30.40
C PRO C 82 4.21 41.10 -29.59
N ARG C 83 5.18 41.91 -30.03
CA ARG C 83 6.34 42.18 -29.19
C ARG C 83 5.93 42.93 -27.93
N HIS C 84 5.01 43.89 -28.06
CA HIS C 84 4.45 44.55 -26.89
C HIS C 84 3.69 43.59 -26.00
N LEU C 85 2.95 42.65 -26.60
CA LEU C 85 2.22 41.66 -25.81
C LEU C 85 3.15 40.74 -25.05
N GLN C 86 4.25 40.31 -25.67
CA GLN C 86 5.20 39.44 -24.98
C GLN C 86 5.92 40.18 -23.87
N LEU C 87 6.33 41.43 -24.13
CA LEU C 87 6.96 42.26 -23.12
C LEU C 87 6.00 42.57 -21.97
N ALA C 88 4.70 42.63 -22.25
CA ALA C 88 3.73 42.92 -21.20
C ALA C 88 3.33 41.66 -20.45
N ILE C 89 3.47 40.48 -21.06
CA ILE C 89 3.03 39.26 -20.40
C ILE C 89 4.16 38.61 -19.61
N ARG C 90 5.42 38.89 -19.96
CA ARG C 90 6.52 38.20 -19.29
C ARG C 90 7.24 39.04 -18.25
N ASN C 91 6.97 40.35 -18.17
CA ASN C 91 7.59 41.14 -17.11
C ASN C 91 6.90 40.88 -15.76
N ASP C 92 5.57 40.76 -15.77
CA ASP C 92 4.83 40.44 -14.55
C ASP C 92 5.01 38.96 -14.25
N ASP C 93 5.54 38.66 -13.06
CA ASP C 93 5.79 37.28 -12.68
C ASP C 93 4.51 36.49 -12.44
N GLU C 94 3.43 37.16 -12.07
CA GLU C 94 2.15 36.48 -11.87
C GLU C 94 1.58 35.97 -13.20
N LEU C 95 1.53 36.84 -14.20
CA LEU C 95 1.02 36.43 -15.50
C LEU C 95 2.02 35.55 -16.23
N ASN C 96 3.31 35.69 -15.93
CA ASN C 96 4.29 34.72 -16.41
C ASN C 96 4.04 33.35 -15.79
N LYS C 97 3.64 33.31 -14.52
CA LYS C 97 3.33 32.06 -13.86
C LYS C 97 2.08 31.41 -14.44
N LEU C 98 1.06 32.21 -14.77
CA LEU C 98 -0.13 31.62 -15.34
C LEU C 98 0.07 31.24 -16.81
N LEU C 99 0.92 31.99 -17.53
CA LEU C 99 1.19 31.71 -18.94
C LEU C 99 2.54 31.02 -19.13
N GLY C 100 2.91 30.13 -18.20
CA GLY C 100 4.22 29.52 -18.26
C GLY C 100 4.42 28.57 -19.42
N ASN C 101 3.39 27.83 -19.79
CA ASN C 101 3.47 26.86 -20.86
C ASN C 101 2.88 27.33 -22.18
N VAL C 102 2.71 28.64 -22.35
CA VAL C 102 2.05 29.21 -23.51
C VAL C 102 3.07 30.10 -24.24
N THR C 103 3.15 29.94 -25.56
CA THR C 103 4.02 30.77 -26.38
C THR C 103 3.18 31.72 -27.22
N ILE C 104 3.84 32.76 -27.72
CA ILE C 104 3.19 33.84 -28.47
C ILE C 104 3.81 33.93 -29.85
N ALA C 105 2.98 33.96 -30.88
CA ALA C 105 3.46 34.10 -32.25
C ALA C 105 3.99 35.51 -32.48
N GLN C 106 5.21 35.59 -33.04
CA GLN C 106 5.97 36.83 -33.21
C GLN C 106 6.10 37.60 -31.90
N GLY C 107 6.26 36.88 -30.79
CA GLY C 107 6.33 37.51 -29.49
C GLY C 107 7.71 38.05 -29.19
N GLY C 108 8.72 37.21 -29.33
CA GLY C 108 10.08 37.57 -28.97
C GLY C 108 10.43 37.04 -27.60
N VAL C 109 11.64 37.40 -27.16
CA VAL C 109 12.20 36.97 -25.89
C VAL C 109 12.70 38.20 -25.16
N LEU C 110 12.37 38.31 -23.87
CA LEU C 110 12.89 39.39 -23.04
C LEU C 110 14.41 39.30 -22.96
N PRO C 111 15.13 40.39 -23.23
CA PRO C 111 16.60 40.33 -23.15
C PRO C 111 17.09 40.24 -21.71
N ASN C 112 17.50 39.04 -21.32
CA ASN C 112 18.04 38.79 -19.98
C ASN C 112 19.40 38.15 -20.13
N ILE C 113 20.39 38.71 -19.44
CA ILE C 113 21.79 38.32 -19.61
C ILE C 113 22.30 37.91 -18.24
N HIS C 114 22.94 36.75 -18.16
CA HIS C 114 23.60 36.33 -16.93
C HIS C 114 24.77 37.28 -16.67
N GLN C 115 24.97 37.63 -15.39
CA GLN C 115 25.84 38.75 -15.02
C GLN C 115 27.30 38.47 -15.32
N ASN C 116 27.70 37.20 -15.39
CA ASN C 116 29.07 36.85 -15.75
C ASN C 116 29.31 36.79 -17.26
N LEU C 117 28.25 36.93 -18.06
CA LEU C 117 28.41 36.92 -19.51
C LEU C 117 28.95 38.25 -20.04
N LEU C 118 28.82 39.31 -19.26
CA LEU C 118 29.32 40.61 -19.69
C LEU C 118 30.85 40.62 -19.68
N PRO C 119 31.50 41.17 -20.70
CA PRO C 119 32.96 41.12 -20.76
C PRO C 119 33.60 42.20 -19.90
N LYS C 120 34.92 42.08 -19.73
CA LYS C 120 35.79 43.00 -19.00
C LYS C 120 35.38 43.18 -17.54
N LYS C 121 35.82 44.27 -16.93
CA LYS C 121 35.46 44.59 -15.56
C LYS C 121 35.11 46.08 -15.47
N SER C 122 34.31 46.41 -14.45
CA SER C 122 33.85 47.77 -14.13
C SER C 122 33.14 48.45 -15.30
N ARG D 37 -20.04 32.66 -42.06
CA ARG D 37 -20.28 33.61 -40.98
C ARG D 37 -19.82 33.02 -39.63
N LYS D 38 -19.03 33.80 -38.90
CA LYS D 38 -18.42 33.35 -37.66
C LYS D 38 -18.49 34.44 -36.60
N GLU D 39 -18.39 34.02 -35.34
CA GLU D 39 -18.46 34.93 -34.21
C GLU D 39 -17.07 35.14 -33.61
N THR D 40 -16.91 36.25 -32.91
CA THR D 40 -15.64 36.65 -32.31
C THR D 40 -15.94 37.63 -31.18
N TYR D 41 -14.91 38.34 -30.73
CA TYR D 41 -15.09 39.36 -29.71
C TYR D 41 -14.44 40.67 -30.13
N SER D 42 -14.67 41.09 -31.38
CA SER D 42 -13.91 42.20 -31.96
C SER D 42 -14.33 43.55 -31.37
N SER D 43 -15.60 43.91 -31.56
CA SER D 43 -16.08 45.22 -31.13
C SER D 43 -16.08 45.36 -29.62
N TYR D 44 -16.20 44.25 -28.89
CA TYR D 44 -16.31 44.26 -27.44
C TYR D 44 -14.97 44.58 -26.80
N ILE D 45 -13.93 43.86 -27.20
CA ILE D 45 -12.58 44.13 -26.73
C ILE D 45 -12.08 45.47 -27.26
N TYR D 46 -12.50 45.84 -28.48
CA TYR D 46 -12.17 47.17 -28.99
C TYR D 46 -12.83 48.28 -28.16
N LYS D 47 -14.06 48.04 -27.70
CA LYS D 47 -14.73 49.00 -26.81
C LYS D 47 -14.04 49.10 -25.46
N VAL D 48 -13.56 47.98 -24.93
CA VAL D 48 -12.81 48.01 -23.67
C VAL D 48 -11.51 48.79 -23.85
N LEU D 49 -10.81 48.56 -24.96
CA LEU D 49 -9.57 49.24 -25.27
C LEU D 49 -9.78 50.75 -25.42
N LYS D 50 -10.80 51.15 -26.18
CA LYS D 50 -11.09 52.57 -26.31
C LYS D 50 -11.65 53.18 -25.04
N GLN D 51 -12.23 52.36 -24.16
CA GLN D 51 -12.71 52.87 -22.88
C GLN D 51 -11.55 53.22 -21.97
N THR D 52 -10.48 52.42 -21.97
CA THR D 52 -9.35 52.76 -21.13
C THR D 52 -8.21 53.45 -21.86
N HIS D 53 -8.17 53.38 -23.19
CA HIS D 53 -7.08 53.98 -23.95
C HIS D 53 -7.60 54.46 -25.30
N PRO D 54 -7.94 55.74 -25.44
CA PRO D 54 -8.57 56.22 -26.68
C PRO D 54 -7.60 56.53 -27.81
N ASP D 55 -6.35 56.09 -27.74
CA ASP D 55 -5.36 56.43 -28.74
C ASP D 55 -4.53 55.26 -29.29
N THR D 56 -4.69 54.05 -28.76
CA THR D 56 -3.85 52.93 -29.14
C THR D 56 -4.58 52.02 -30.12
N GLY D 57 -3.89 51.68 -31.22
CA GLY D 57 -4.42 50.78 -32.21
C GLY D 57 -4.09 49.32 -31.92
N ILE D 58 -4.86 48.43 -32.55
CA ILE D 58 -4.75 46.99 -32.35
C ILE D 58 -4.52 46.33 -33.70
N SER D 59 -3.61 45.36 -33.73
CA SER D 59 -3.43 44.54 -34.92
C SER D 59 -4.30 43.29 -34.82
N GLN D 60 -4.77 42.82 -35.98
CA GLN D 60 -5.68 41.69 -35.99
C GLN D 60 -4.97 40.38 -35.67
N LYS D 61 -3.67 40.30 -35.89
CA LYS D 61 -2.95 39.14 -35.39
C LYS D 61 -2.74 39.23 -33.88
N SER D 62 -2.51 40.44 -33.34
CA SER D 62 -2.51 40.63 -31.90
C SER D 62 -3.90 40.40 -31.33
N MET D 63 -4.92 40.78 -32.09
CA MET D 63 -6.28 40.56 -31.64
C MET D 63 -6.60 39.08 -31.62
N SER D 64 -6.08 38.32 -32.58
CA SER D 64 -6.25 36.87 -32.59
C SER D 64 -5.47 36.20 -31.46
N ILE D 65 -4.30 36.75 -31.12
CA ILE D 65 -3.55 36.33 -29.94
C ILE D 65 -4.43 36.43 -28.69
N LEU D 66 -5.05 37.59 -28.51
CA LEU D 66 -5.85 37.76 -27.30
C LEU D 66 -7.21 37.07 -27.39
N ASN D 67 -7.71 36.79 -28.58
CA ASN D 67 -8.92 35.96 -28.73
C ASN D 67 -8.64 34.53 -28.28
N SER D 68 -7.51 33.98 -28.72
CA SER D 68 -7.09 32.67 -28.28
C SER D 68 -6.83 32.65 -26.79
N PHE D 69 -6.31 33.76 -26.26
CA PHE D 69 -6.16 33.93 -24.82
C PHE D 69 -7.49 33.85 -24.08
N VAL D 70 -8.48 34.63 -24.50
CA VAL D 70 -9.71 34.74 -23.72
C VAL D 70 -10.53 33.45 -23.81
N ASN D 71 -10.59 32.81 -24.99
CA ASN D 71 -11.35 31.57 -25.00
C ASN D 71 -10.56 30.40 -24.43
N ASP D 72 -9.23 30.50 -24.35
CA ASP D 72 -8.45 29.54 -23.59
C ASP D 72 -8.77 29.62 -22.10
N ILE D 73 -8.80 30.85 -21.56
CA ILE D 73 -9.13 31.03 -20.14
C ILE D 73 -10.57 30.59 -19.87
N PHE D 74 -11.47 30.87 -20.81
CA PHE D 74 -12.85 30.40 -20.70
C PHE D 74 -12.93 28.88 -20.67
N GLU D 75 -12.15 28.21 -21.52
CA GLU D 75 -12.16 26.75 -21.54
C GLU D 75 -11.61 26.17 -20.26
N ARG D 76 -10.56 26.78 -19.71
CA ARG D 76 -9.97 26.29 -18.46
C ARG D 76 -10.94 26.43 -17.29
N ILE D 77 -11.59 27.60 -17.18
CA ILE D 77 -12.60 27.80 -16.14
C ILE D 77 -13.77 26.84 -16.29
N ALA D 78 -14.29 26.68 -17.51
CA ALA D 78 -15.45 25.82 -17.72
C ALA D 78 -15.14 24.36 -17.45
N THR D 79 -13.97 23.88 -17.88
CA THR D 79 -13.60 22.49 -17.66
C THR D 79 -13.36 22.22 -16.18
N GLU D 80 -12.70 23.16 -15.49
CA GLU D 80 -12.44 23.01 -14.07
C GLU D 80 -13.73 23.02 -13.26
N ALA D 81 -14.67 23.89 -13.63
CA ALA D 81 -15.95 23.95 -12.93
C ALA D 81 -16.78 22.71 -13.20
N SER D 82 -16.71 22.17 -14.41
CA SER D 82 -17.43 20.94 -14.72
C SER D 82 -16.89 19.77 -13.90
N LYS D 83 -15.57 19.67 -13.80
CA LYS D 83 -14.97 18.61 -12.98
C LYS D 83 -15.33 18.78 -11.51
N LEU D 84 -15.27 20.02 -11.01
CA LEU D 84 -15.57 20.31 -9.62
C LEU D 84 -17.02 20.04 -9.26
N ALA D 85 -17.97 20.38 -10.13
CA ALA D 85 -19.36 20.02 -9.87
C ALA D 85 -19.56 18.52 -10.02
N ALA D 86 -18.74 17.86 -10.84
CA ALA D 86 -18.84 16.41 -10.94
C ALA D 86 -18.34 15.71 -9.68
N TYR D 87 -17.38 16.32 -8.95
CA TYR D 87 -16.89 15.63 -7.76
C TYR D 87 -17.89 15.67 -6.63
N ASN D 88 -18.67 16.75 -6.54
CA ASN D 88 -19.57 16.99 -5.41
C ASN D 88 -20.95 16.40 -5.62
N LYS D 89 -21.12 15.64 -6.72
CA LYS D 89 -22.37 14.94 -7.08
C LYS D 89 -23.52 15.92 -7.28
N LYS D 90 -23.18 17.11 -7.77
CA LYS D 90 -24.15 18.16 -8.05
C LYS D 90 -24.27 18.29 -9.56
N SER D 91 -25.49 18.17 -10.06
CA SER D 91 -25.71 18.15 -11.50
C SER D 91 -25.83 19.53 -12.11
N THR D 92 -25.73 20.59 -11.30
CA THR D 92 -25.91 21.95 -11.79
C THR D 92 -24.63 22.75 -11.62
N ILE D 93 -24.38 23.63 -12.59
CA ILE D 93 -23.34 24.64 -12.50
C ILE D 93 -23.97 25.90 -11.94
N SER D 94 -23.38 26.44 -10.88
CA SER D 94 -23.88 27.67 -10.27
C SER D 94 -22.70 28.62 -10.09
N ALA D 95 -22.92 29.73 -9.43
CA ALA D 95 -21.87 30.71 -9.20
C ALA D 95 -20.84 30.23 -8.18
N ARG D 96 -21.23 29.34 -7.28
CA ARG D 96 -20.31 28.89 -6.23
C ARG D 96 -19.21 28.01 -6.80
N GLU D 97 -19.53 27.11 -7.72
CA GLU D 97 -18.52 26.23 -8.31
C GLU D 97 -17.52 26.99 -9.16
N ILE D 98 -17.98 27.92 -10.00
CA ILE D 98 -17.05 28.72 -10.77
C ILE D 98 -16.31 29.70 -9.89
N GLN D 99 -16.92 30.10 -8.75
CA GLN D 99 -16.23 30.92 -7.76
C GLN D 99 -15.05 30.17 -7.16
N THR D 100 -15.26 28.91 -6.80
CA THR D 100 -14.17 28.09 -6.29
C THR D 100 -13.12 27.85 -7.36
N ALA D 101 -13.54 27.66 -8.61
CA ALA D 101 -12.60 27.40 -9.70
C ALA D 101 -11.71 28.60 -9.98
N VAL D 102 -12.29 29.81 -10.03
CA VAL D 102 -11.48 31.00 -10.26
C VAL D 102 -10.68 31.33 -9.01
N ARG D 103 -11.14 30.88 -7.83
CA ARG D 103 -10.32 30.99 -6.63
C ARG D 103 -9.09 30.12 -6.73
N LEU D 104 -9.22 28.94 -7.36
CA LEU D 104 -8.16 27.95 -7.22
C LEU D 104 -7.15 27.95 -8.38
N ILE D 105 -7.55 28.14 -9.65
CA ILE D 105 -6.49 28.11 -10.66
C ILE D 105 -5.80 29.46 -10.79
N LEU D 106 -6.49 30.54 -10.42
CA LEU D 106 -5.90 31.86 -10.50
C LEU D 106 -4.99 32.08 -9.30
N PRO D 107 -3.72 32.44 -9.50
CA PRO D 107 -2.83 32.66 -8.35
C PRO D 107 -3.10 33.96 -7.63
N GLY D 108 -2.24 34.28 -6.65
CA GLY D 108 -2.43 35.42 -5.77
C GLY D 108 -2.43 36.78 -6.46
N GLU D 109 -3.09 37.76 -5.83
CA GLU D 109 -3.22 39.19 -6.14
C GLU D 109 -3.85 39.47 -7.51
N LEU D 110 -4.24 38.44 -8.24
CA LEU D 110 -5.15 38.54 -9.37
C LEU D 110 -6.48 37.83 -9.12
N ALA D 111 -6.48 36.82 -8.27
CA ALA D 111 -7.71 36.07 -8.01
C ALA D 111 -8.67 36.88 -7.15
N LYS D 112 -8.17 37.47 -6.06
CA LYS D 112 -9.05 38.12 -5.10
C LYS D 112 -9.68 39.40 -5.66
N HIS D 113 -8.97 40.10 -6.54
CA HIS D 113 -9.56 41.28 -7.18
C HIS D 113 -10.65 40.86 -8.16
N ALA D 114 -10.39 39.79 -8.91
CA ALA D 114 -11.38 39.24 -9.83
C ALA D 114 -12.61 38.74 -9.09
N VAL D 115 -12.40 38.08 -7.96
CA VAL D 115 -13.50 37.59 -7.13
C VAL D 115 -14.32 38.76 -6.60
N SER D 116 -13.64 39.83 -6.17
CA SER D 116 -14.33 41.01 -5.64
C SER D 116 -15.17 41.70 -6.70
N GLU D 117 -14.59 41.91 -7.90
CA GLU D 117 -15.34 42.61 -8.94
C GLU D 117 -16.46 41.74 -9.52
N GLY D 118 -16.25 40.41 -9.56
CA GLY D 118 -17.32 39.55 -10.05
C GLY D 118 -18.46 39.40 -9.07
N THR D 119 -18.16 39.37 -7.77
CA THR D 119 -19.23 39.41 -6.77
C THR D 119 -19.97 40.73 -6.81
N ARG D 120 -19.25 41.83 -7.04
CA ARG D 120 -19.89 43.13 -7.21
C ARG D 120 -20.82 43.15 -8.42
N ALA D 121 -20.37 42.56 -9.53
CA ALA D 121 -21.18 42.50 -10.74
C ALA D 121 -22.41 41.61 -10.56
N VAL D 122 -22.25 40.47 -9.88
CA VAL D 122 -23.41 39.58 -9.73
C VAL D 122 -24.39 40.14 -8.70
N THR D 123 -23.91 40.91 -7.72
CA THR D 123 -24.84 41.53 -6.77
C THR D 123 -25.58 42.70 -7.42
N LYS D 124 -24.88 43.48 -8.25
CA LYS D 124 -25.56 44.57 -8.95
C LYS D 124 -26.45 44.06 -10.09
N TYR D 125 -26.24 42.82 -10.55
CA TYR D 125 -27.17 42.24 -11.50
C TYR D 125 -28.38 41.64 -10.79
N SER D 126 -28.17 40.97 -9.66
CA SER D 126 -29.28 40.35 -8.94
C SER D 126 -30.17 41.40 -8.29
N SER D 127 -29.59 42.51 -7.83
CA SER D 127 -30.38 43.63 -7.33
C SER D 127 -31.18 44.27 -8.46
N SER D 128 -30.58 44.38 -9.65
CA SER D 128 -31.30 44.86 -10.83
C SER D 128 -32.01 43.70 -11.52
N THR D 129 -33.03 43.18 -10.83
CA THR D 129 -33.76 42.01 -11.30
C THR D 129 -34.65 42.34 -12.49
N PRO E 39 43.89 47.10 -41.82
CA PRO E 39 44.79 46.31 -40.99
C PRO E 39 44.23 46.08 -39.59
N HIS E 40 42.90 46.12 -39.49
CA HIS E 40 42.22 46.04 -38.20
C HIS E 40 41.56 44.68 -38.04
N ARG E 41 41.42 44.25 -36.78
CA ARG E 41 40.70 43.04 -36.44
C ARG E 41 40.04 43.24 -35.08
N TYR E 42 38.74 42.97 -35.01
CA TYR E 42 37.97 43.20 -33.80
C TYR E 42 38.22 42.12 -32.77
N LYS E 43 38.00 42.48 -31.50
CA LYS E 43 38.13 41.56 -30.39
C LYS E 43 37.05 40.49 -30.51
N PRO E 44 37.41 39.19 -30.39
CA PRO E 44 36.37 38.15 -30.35
C PRO E 44 35.50 38.25 -29.12
N GLY E 45 34.24 38.60 -29.32
CA GLY E 45 33.31 38.85 -28.23
C GLY E 45 32.67 40.21 -28.34
N THR E 46 33.24 41.10 -29.16
CA THR E 46 32.67 42.42 -29.34
C THR E 46 31.50 42.39 -30.33
N VAL E 47 31.72 41.74 -31.48
CA VAL E 47 30.64 41.66 -32.47
C VAL E 47 29.55 40.70 -32.03
N ALA E 48 29.92 39.63 -31.31
CA ALA E 48 28.97 38.58 -30.95
C ALA E 48 27.94 39.09 -29.94
N LEU E 49 28.39 39.85 -28.95
CA LEU E 49 27.48 40.44 -27.97
C LEU E 49 26.54 41.44 -28.63
N ARG E 50 27.05 42.24 -29.58
CA ARG E 50 26.21 43.23 -30.22
C ARG E 50 25.18 42.60 -31.15
N GLU E 51 25.50 41.44 -31.77
CA GLU E 51 24.44 40.79 -32.55
C GLU E 51 23.50 39.98 -31.69
N ILE E 52 23.92 39.55 -30.50
CA ILE E 52 22.97 39.01 -29.52
C ILE E 52 21.97 40.09 -29.11
N ARG E 53 22.46 41.32 -28.87
CA ARG E 53 21.55 42.42 -28.56
C ARG E 53 20.65 42.76 -29.74
N ARG E 54 21.20 42.76 -30.96
CA ARG E 54 20.43 43.09 -32.16
C ARG E 54 19.36 42.04 -32.45
N PHE E 55 19.67 40.76 -32.25
CA PHE E 55 18.66 39.73 -32.37
C PHE E 55 17.62 39.79 -31.25
N GLN E 56 18.06 40.06 -30.01
CA GLN E 56 17.13 40.01 -28.89
C GLN E 56 16.17 41.19 -28.87
N LYS E 57 16.58 42.35 -29.40
CA LYS E 57 15.63 43.44 -29.57
C LYS E 57 14.67 43.14 -30.72
N SER E 58 15.12 42.35 -31.68
CA SER E 58 14.33 41.96 -32.83
C SER E 58 13.39 40.82 -32.46
N THR E 59 12.41 40.57 -33.34
CA THR E 59 11.48 39.47 -33.15
C THR E 59 11.21 38.72 -34.45
N GLU E 60 12.07 38.86 -35.45
CA GLU E 60 11.83 38.29 -36.76
C GLU E 60 12.30 36.83 -36.85
N LEU E 61 12.18 36.28 -38.04
CA LEU E 61 12.41 34.87 -38.28
C LEU E 61 13.88 34.58 -38.54
N LEU E 62 14.34 33.40 -38.12
CA LEU E 62 15.72 32.97 -38.32
C LEU E 62 15.91 31.98 -39.46
N ILE E 63 15.12 30.92 -39.50
CA ILE E 63 15.30 29.89 -40.52
C ILE E 63 14.59 30.33 -41.79
N ARG E 64 15.20 30.03 -42.93
CA ARG E 64 14.57 30.30 -44.22
C ARG E 64 13.34 29.43 -44.39
N LYS E 65 12.30 30.00 -45.02
CA LYS E 65 10.97 29.39 -44.99
C LYS E 65 10.90 28.14 -45.85
N LEU E 66 11.41 28.21 -47.08
CA LEU E 66 11.38 27.15 -48.08
C LEU E 66 12.12 25.87 -47.67
N PRO E 67 13.33 25.90 -47.07
CA PRO E 67 13.90 24.62 -46.60
C PRO E 67 13.09 23.97 -45.49
N PHE E 68 12.51 24.75 -44.58
CA PHE E 68 11.68 24.17 -43.54
C PHE E 68 10.40 23.59 -44.13
N GLN E 69 9.89 24.24 -45.18
CA GLN E 69 8.79 23.70 -45.97
C GLN E 69 9.16 22.36 -46.59
N ARG E 70 10.38 22.24 -47.11
CA ARG E 70 10.87 20.97 -47.64
C ARG E 70 10.95 19.90 -46.55
N LEU E 71 11.46 20.26 -45.37
CA LEU E 71 11.56 19.30 -44.26
C LEU E 71 10.20 18.82 -43.80
N VAL E 72 9.22 19.72 -43.65
CA VAL E 72 7.93 19.28 -43.17
C VAL E 72 7.20 18.46 -44.23
N ARG E 73 7.42 18.75 -45.52
CA ARG E 73 6.80 17.91 -46.54
C ARG E 73 7.44 16.53 -46.60
N GLU E 74 8.77 16.45 -46.46
CA GLU E 74 9.40 15.13 -46.55
C GLU E 74 9.18 14.29 -45.29
N ILE E 75 8.94 14.92 -44.13
CA ILE E 75 8.63 14.12 -42.96
C ILE E 75 7.14 13.83 -42.90
N ALA E 76 6.32 14.60 -43.63
CA ALA E 76 4.89 14.34 -43.63
C ALA E 76 4.50 13.14 -44.49
N GLN E 77 5.20 12.94 -45.61
CA GLN E 77 4.73 12.03 -46.65
C GLN E 77 4.82 10.56 -46.29
N ASP E 78 5.57 10.19 -45.24
CA ASP E 78 5.69 8.78 -44.92
C ASP E 78 4.47 8.22 -44.21
N PHE E 79 3.55 9.07 -43.77
CA PHE E 79 2.35 8.65 -43.06
C PHE E 79 1.15 8.50 -43.99
N LYS E 80 0.93 9.48 -44.86
CA LYS E 80 -0.07 9.37 -45.91
C LYS E 80 0.45 10.21 -47.06
N THR E 81 0.29 9.74 -48.30
CA THR E 81 0.82 10.49 -49.42
C THR E 81 -0.16 11.57 -49.87
N ASP E 82 0.39 12.57 -50.56
CA ASP E 82 -0.31 13.71 -51.16
C ASP E 82 -1.11 14.44 -50.06
N LEU E 83 -0.37 15.11 -49.18
CA LEU E 83 -0.95 15.97 -48.17
C LEU E 83 -0.70 17.42 -48.58
N ARG E 84 -1.76 18.12 -48.93
CA ARG E 84 -1.64 19.55 -49.16
C ARG E 84 -1.50 20.26 -47.81
N PHE E 85 -0.87 21.43 -47.85
CA PHE E 85 -0.50 22.14 -46.64
C PHE E 85 -0.94 23.58 -46.74
N GLN E 86 -1.66 24.06 -45.74
CA GLN E 86 -1.96 25.47 -45.67
C GLN E 86 -0.72 26.24 -45.23
N SER E 87 -0.62 27.49 -45.71
CA SER E 87 0.56 28.30 -45.41
C SER E 87 0.61 28.70 -43.94
N SER E 88 -0.55 28.85 -43.31
CA SER E 88 -0.64 29.17 -41.89
C SER E 88 -0.17 28.05 -40.98
N ALA E 89 -0.41 26.79 -41.36
CA ALA E 89 0.10 25.67 -40.58
C ALA E 89 1.62 25.64 -40.60
N ILE E 90 2.22 26.01 -41.73
CA ILE E 90 3.68 26.07 -41.85
C ILE E 90 4.25 27.09 -40.88
N GLY E 91 3.64 28.27 -40.81
CA GLY E 91 4.08 29.28 -39.85
C GLY E 91 3.85 28.85 -38.41
N ALA E 92 2.80 28.05 -38.16
CA ALA E 92 2.59 27.50 -36.83
C ALA E 92 3.72 26.56 -36.42
N LEU E 93 4.11 25.65 -37.33
CA LEU E 93 5.28 24.80 -37.08
C LEU E 93 6.54 25.61 -36.86
N GLN E 94 6.70 26.69 -37.64
CA GLN E 94 7.88 27.55 -37.52
C GLN E 94 7.97 28.19 -36.15
N GLU E 95 6.91 28.88 -35.72
CA GLU E 95 6.91 29.57 -34.42
C GLU E 95 7.06 28.59 -33.27
N SER E 96 6.44 27.40 -33.38
CA SER E 96 6.62 26.38 -32.35
C SER E 96 8.08 25.95 -32.25
N VAL E 97 8.76 25.75 -33.38
CA VAL E 97 10.10 25.22 -33.25
C VAL E 97 11.12 26.30 -32.87
N GLU E 98 10.91 27.58 -33.27
CA GLU E 98 11.82 28.58 -32.72
C GLU E 98 11.60 28.77 -31.23
N ALA E 99 10.35 28.73 -30.76
CA ALA E 99 10.11 28.86 -29.32
C ALA E 99 10.74 27.73 -28.53
N TYR E 100 10.60 26.49 -29.02
CA TYR E 100 11.15 25.34 -28.30
C TYR E 100 12.67 25.34 -28.32
N LEU E 101 13.28 25.66 -29.48
CA LEU E 101 14.74 25.65 -29.53
C LEU E 101 15.36 26.83 -28.80
N VAL E 102 14.72 27.99 -28.79
CA VAL E 102 15.22 29.13 -28.01
C VAL E 102 15.20 28.81 -26.53
N SER E 103 14.09 28.22 -26.04
CA SER E 103 14.04 27.81 -24.65
C SER E 103 15.08 26.74 -24.32
N LEU E 104 15.28 25.77 -25.22
CA LEU E 104 16.25 24.71 -24.98
C LEU E 104 17.67 25.25 -24.92
N PHE E 105 18.04 26.17 -25.83
CA PHE E 105 19.36 26.78 -25.77
C PHE E 105 19.53 27.68 -24.56
N GLU E 106 18.48 28.36 -24.11
CA GLU E 106 18.60 29.18 -22.90
C GLU E 106 18.88 28.33 -21.67
N ASP E 107 18.14 27.24 -21.50
CA ASP E 107 18.39 26.37 -20.35
C ASP E 107 19.70 25.61 -20.49
N THR E 108 20.12 25.27 -21.71
CA THR E 108 21.41 24.61 -21.89
C THR E 108 22.57 25.56 -21.60
N ASN E 109 22.42 26.84 -21.94
CA ASN E 109 23.43 27.83 -21.58
C ASN E 109 23.51 28.03 -20.08
N LEU E 110 22.36 28.01 -19.41
CA LEU E 110 22.37 28.07 -17.94
C LEU E 110 23.04 26.85 -17.33
N ALA E 111 22.81 25.67 -17.92
CA ALA E 111 23.46 24.45 -17.44
C ALA E 111 24.97 24.50 -17.67
N ALA E 112 25.40 25.06 -18.81
CA ALA E 112 26.82 25.16 -19.10
C ALA E 112 27.50 26.19 -18.20
N ILE E 113 26.83 27.31 -17.93
CA ILE E 113 27.41 28.31 -17.04
C ILE E 113 27.36 27.88 -15.58
N HIS E 114 26.53 26.88 -15.26
CA HIS E 114 26.63 26.28 -13.94
C HIS E 114 27.92 25.48 -13.78
N ALA E 115 28.41 24.89 -14.86
CA ALA E 115 29.63 24.08 -14.84
C ALA E 115 30.89 24.91 -15.07
N LYS E 116 30.83 26.23 -14.84
CA LYS E 116 31.95 27.16 -14.93
C LYS E 116 32.58 27.17 -16.33
N ARG E 117 31.74 27.00 -17.35
CA ARG E 117 32.19 27.01 -18.73
C ARG E 117 31.34 27.99 -19.53
N VAL E 118 31.97 28.63 -20.51
CA VAL E 118 31.27 29.48 -21.45
C VAL E 118 31.08 28.80 -22.80
N THR E 119 31.53 27.56 -22.93
CA THR E 119 31.35 26.77 -24.14
C THR E 119 30.37 25.65 -23.84
N ILE E 120 29.30 25.55 -24.64
CA ILE E 120 28.32 24.50 -24.45
C ILE E 120 28.81 23.21 -25.10
N GLN E 121 28.14 22.11 -24.79
CA GLN E 121 28.56 20.80 -25.25
C GLN E 121 27.32 19.93 -25.30
N LYS E 122 27.42 18.81 -26.04
CA LYS E 122 26.28 17.93 -26.22
C LYS E 122 25.88 17.24 -24.92
N LYS E 123 26.82 17.12 -23.96
CA LYS E 123 26.45 16.62 -22.65
C LYS E 123 25.58 17.60 -21.89
N ASP E 124 25.70 18.91 -22.20
CA ASP E 124 24.81 19.88 -21.56
C ASP E 124 23.42 19.82 -22.18
N ILE E 125 23.33 19.54 -23.49
CA ILE E 125 22.06 19.29 -24.14
C ILE E 125 21.37 18.08 -23.53
N LYS E 126 22.14 16.99 -23.34
CA LYS E 126 21.55 15.80 -22.72
C LYS E 126 21.21 16.04 -21.26
N LEU E 127 21.94 16.92 -20.58
CA LEU E 127 21.62 17.28 -19.20
C LEU E 127 20.29 18.02 -19.13
N ALA E 128 20.08 18.96 -20.06
CA ALA E 128 18.81 19.68 -20.12
C ALA E 128 17.65 18.76 -20.47
N ARG E 129 17.88 17.81 -21.38
CA ARG E 129 16.85 16.83 -21.72
C ARG E 129 16.60 15.85 -20.59
N ARG E 130 17.62 15.58 -19.78
CA ARG E 130 17.45 14.77 -18.58
C ARG E 130 16.62 15.50 -17.54
N LEU E 131 16.84 16.81 -17.41
CA LEU E 131 16.26 17.56 -16.31
C LEU E 131 14.85 18.05 -16.59
N ARG E 132 14.48 18.30 -17.85
CA ARG E 132 13.10 18.70 -18.10
C ARG E 132 12.13 17.53 -18.06
N GLY E 133 12.57 16.31 -18.36
CA GLY E 133 11.69 15.17 -18.27
C GLY E 133 10.75 15.01 -19.45
N GLU E 134 11.29 14.86 -20.66
CA GLU E 134 10.47 14.80 -21.87
C GLU E 134 10.79 13.59 -22.74
N ARG E 135 11.28 12.52 -22.14
CA ARG E 135 11.56 11.30 -22.90
C ARG E 135 10.31 10.43 -22.96
N ASP F 25 20.45 15.19 -48.65
CA ASP F 25 20.67 16.61 -48.40
C ASP F 25 19.40 17.26 -47.89
N ASN F 26 18.26 16.62 -48.17
CA ASN F 26 16.97 17.19 -47.82
C ASN F 26 16.71 17.15 -46.31
N ILE F 27 17.40 16.27 -45.58
CA ILE F 27 17.34 16.33 -44.13
C ILE F 27 18.06 17.58 -43.63
N GLN F 28 19.18 17.92 -44.25
CA GLN F 28 20.03 19.03 -43.83
C GLN F 28 19.63 20.33 -44.53
N GLY F 29 18.33 20.51 -44.77
CA GLY F 29 17.85 21.74 -45.38
C GLY F 29 18.06 22.96 -44.51
N ILE F 30 17.96 22.80 -43.19
CA ILE F 30 18.34 23.86 -42.26
C ILE F 30 19.86 23.92 -42.25
N THR F 31 20.40 25.10 -41.97
CA THR F 31 21.83 25.32 -42.14
C THR F 31 22.48 25.78 -40.84
N LYS F 32 23.81 25.71 -40.83
CA LYS F 32 24.60 26.08 -39.65
C LYS F 32 24.39 27.51 -39.13
N PRO F 33 24.28 28.57 -39.97
CA PRO F 33 23.90 29.87 -39.40
C PRO F 33 22.53 29.93 -38.78
N ALA F 34 21.60 29.03 -39.11
CA ALA F 34 20.31 29.03 -38.44
C ALA F 34 20.42 28.56 -37.00
N ILE F 35 21.19 27.49 -36.76
CA ILE F 35 21.48 27.06 -35.40
C ILE F 35 22.28 28.14 -34.67
N ARG F 36 23.17 28.84 -35.40
CA ARG F 36 23.88 29.97 -34.82
C ARG F 36 22.94 31.08 -34.37
N ARG F 37 21.95 31.41 -35.21
CA ARG F 37 20.98 32.46 -34.86
C ARG F 37 20.13 32.05 -33.68
N LEU F 38 19.73 30.78 -33.62
CA LEU F 38 18.94 30.30 -32.48
C LEU F 38 19.77 30.30 -31.20
N ALA F 39 21.06 30.00 -31.30
CA ALA F 39 21.94 30.07 -30.14
C ALA F 39 22.11 31.50 -29.65
N ARG F 40 22.24 32.45 -30.58
CA ARG F 40 22.35 33.85 -30.16
C ARG F 40 21.03 34.41 -29.65
N ARG F 41 19.90 33.83 -30.06
CA ARG F 41 18.65 34.09 -29.35
C ARG F 41 18.73 33.55 -27.93
N GLY F 42 19.30 32.36 -27.77
CA GLY F 42 19.44 31.76 -26.45
C GLY F 42 20.46 32.45 -25.56
N GLY F 43 21.33 33.27 -26.14
CA GLY F 43 22.30 34.01 -25.35
C GLY F 43 23.56 33.20 -25.11
N VAL F 44 24.01 32.50 -26.14
CA VAL F 44 25.13 31.56 -26.03
C VAL F 44 26.36 32.23 -26.62
N LYS F 45 27.46 32.20 -25.87
CA LYS F 45 28.69 32.84 -26.33
C LYS F 45 29.49 31.93 -27.25
N ARG F 46 29.92 30.79 -26.75
CA ARG F 46 30.77 29.88 -27.51
C ARG F 46 30.03 28.57 -27.75
N ILE F 47 30.08 28.11 -29.00
CA ILE F 47 29.35 26.93 -29.44
C ILE F 47 30.36 25.95 -30.03
N SER F 48 30.37 24.73 -29.52
CA SER F 48 31.23 23.71 -30.09
C SER F 48 30.66 23.20 -31.41
N GLY F 49 31.54 22.65 -32.25
CA GLY F 49 31.15 22.32 -33.60
C GLY F 49 30.39 21.03 -33.77
N LEU F 50 30.22 20.28 -32.69
CA LEU F 50 29.48 19.02 -32.74
C LEU F 50 28.06 19.15 -32.20
N ILE F 51 27.57 20.37 -32.02
CA ILE F 51 26.22 20.57 -31.52
C ILE F 51 25.21 20.41 -32.66
N TYR F 52 25.64 20.66 -33.89
CA TYR F 52 24.70 20.93 -34.98
C TYR F 52 23.95 19.69 -35.44
N GLU F 53 24.63 18.55 -35.56
CA GLU F 53 23.95 17.36 -36.05
C GLU F 53 23.00 16.78 -35.01
N GLU F 54 23.34 16.87 -33.71
CA GLU F 54 22.40 16.42 -32.70
C GLU F 54 21.27 17.42 -32.51
N THR F 55 21.51 18.71 -32.77
CA THR F 55 20.43 19.69 -32.76
C THR F 55 19.45 19.42 -33.91
N ARG F 56 19.98 19.04 -35.07
CA ARG F 56 19.13 18.62 -36.18
C ARG F 56 18.32 17.38 -35.82
N GLY F 57 18.95 16.43 -35.12
CA GLY F 57 18.21 15.27 -34.64
C GLY F 57 17.13 15.58 -33.62
N VAL F 58 17.42 16.50 -32.70
CA VAL F 58 16.44 16.96 -31.71
C VAL F 58 15.26 17.64 -32.39
N LEU F 59 15.54 18.49 -33.38
CA LEU F 59 14.47 19.13 -34.15
C LEU F 59 13.64 18.10 -34.92
N LYS F 60 14.31 17.14 -35.54
CA LYS F 60 13.64 16.10 -36.33
C LYS F 60 12.77 15.19 -35.49
N VAL F 61 13.14 14.91 -34.24
CA VAL F 61 12.29 14.11 -33.38
C VAL F 61 11.23 14.97 -32.68
N PHE F 62 11.49 16.27 -32.48
CA PHE F 62 10.51 17.14 -31.85
C PHE F 62 9.32 17.40 -32.76
N LEU F 63 9.57 17.73 -34.02
CA LEU F 63 8.43 17.99 -34.89
C LEU F 63 7.80 16.71 -35.41
N GLU F 64 8.44 15.57 -35.22
CA GLU F 64 7.89 14.27 -35.62
C GLU F 64 6.59 13.98 -34.86
N ASN F 65 6.58 14.22 -33.55
CA ASN F 65 5.41 13.93 -32.73
C ASN F 65 4.24 14.82 -33.10
N VAL F 66 4.50 16.09 -33.39
CA VAL F 66 3.40 16.98 -33.73
C VAL F 66 2.90 16.74 -35.15
N ILE F 67 3.76 16.30 -36.08
CA ILE F 67 3.28 15.90 -37.39
C ILE F 67 2.41 14.66 -37.29
N ARG F 68 2.84 13.69 -36.46
CA ARG F 68 2.07 12.47 -36.25
C ARG F 68 0.71 12.76 -35.63
N ASP F 69 0.67 13.71 -34.69
CA ASP F 69 -0.60 14.05 -34.08
C ASP F 69 -1.49 14.89 -34.99
N ALA F 70 -0.91 15.74 -35.84
CA ALA F 70 -1.69 16.55 -36.76
C ALA F 70 -2.31 15.75 -37.88
N VAL F 71 -1.57 14.78 -38.44
CA VAL F 71 -2.12 14.03 -39.57
C VAL F 71 -3.24 13.10 -39.14
N THR F 72 -3.26 12.66 -37.88
CA THR F 72 -4.37 11.82 -37.41
C THR F 72 -5.65 12.63 -37.29
N TYR F 73 -5.55 13.85 -36.78
CA TYR F 73 -6.67 14.79 -36.78
C TYR F 73 -7.13 15.10 -38.20
N THR F 74 -6.17 15.20 -39.12
CA THR F 74 -6.51 15.48 -40.51
C THR F 74 -7.27 14.32 -41.15
N GLU F 75 -6.81 13.09 -40.95
CA GLU F 75 -7.47 11.97 -41.62
C GLU F 75 -8.79 11.63 -40.96
N HIS F 76 -8.94 11.89 -39.65
CA HIS F 76 -10.21 11.58 -39.02
C HIS F 76 -11.31 12.52 -39.47
N ALA F 77 -10.96 13.73 -39.87
CA ALA F 77 -11.94 14.67 -40.39
C ALA F 77 -12.29 14.41 -41.86
N LYS F 78 -11.81 13.29 -42.42
CA LYS F 78 -12.07 12.86 -43.81
C LYS F 78 -11.61 13.93 -44.81
N ARG F 79 -10.52 14.60 -44.49
CA ARG F 79 -9.91 15.60 -45.33
C ARG F 79 -8.47 15.21 -45.58
N LYS F 80 -7.95 15.57 -46.75
CA LYS F 80 -6.57 15.24 -47.07
C LYS F 80 -5.73 16.48 -47.32
N THR F 81 -6.09 17.60 -46.71
CA THR F 81 -5.16 18.70 -46.50
C THR F 81 -5.19 19.10 -45.04
N VAL F 82 -4.03 19.49 -44.52
CA VAL F 82 -3.93 19.92 -43.13
C VAL F 82 -4.18 21.42 -43.06
N THR F 83 -4.39 21.91 -41.84
CA THR F 83 -4.65 23.32 -41.63
C THR F 83 -3.88 23.76 -40.38
N ALA F 84 -4.01 25.02 -40.01
CA ALA F 84 -3.37 25.46 -38.78
C ALA F 84 -4.15 25.01 -37.56
N MET F 85 -5.44 24.73 -37.76
CA MET F 85 -6.35 24.45 -36.65
C MET F 85 -5.97 23.16 -35.94
N ASP F 86 -5.79 22.07 -36.70
CA ASP F 86 -5.49 20.80 -36.05
C ASP F 86 -4.05 20.72 -35.56
N VAL F 87 -3.14 21.49 -36.16
CA VAL F 87 -1.79 21.44 -35.62
C VAL F 87 -1.68 22.24 -34.32
N VAL F 88 -2.38 23.37 -34.18
CA VAL F 88 -2.36 24.06 -32.89
C VAL F 88 -3.22 23.31 -31.88
N TYR F 89 -4.16 22.49 -32.38
CA TYR F 89 -4.91 21.56 -31.54
C TYR F 89 -4.00 20.50 -30.95
N ALA F 90 -3.11 19.93 -31.77
CA ALA F 90 -2.13 18.95 -31.30
C ALA F 90 -1.15 19.58 -30.32
N LEU F 91 -0.70 20.81 -30.60
CA LEU F 91 0.20 21.51 -29.69
C LEU F 91 -0.47 21.81 -28.36
N LYS F 92 -1.77 22.12 -28.38
CA LYS F 92 -2.50 22.30 -27.13
C LYS F 92 -2.70 20.97 -26.41
N ARG F 93 -2.76 19.88 -27.17
CA ARG F 93 -2.83 18.56 -26.55
C ARG F 93 -1.53 18.20 -25.83
N GLN F 94 -0.38 18.47 -26.45
CA GLN F 94 0.89 18.04 -25.89
C GLN F 94 1.53 19.07 -24.96
N GLY F 95 0.85 20.17 -24.67
CA GLY F 95 1.22 21.02 -23.56
C GLY F 95 2.01 22.27 -23.88
N ARG F 96 2.21 22.59 -25.16
CA ARG F 96 2.94 23.78 -25.57
C ARG F 96 2.09 24.60 -26.52
N THR F 97 0.87 24.93 -26.08
CA THR F 97 -0.14 25.59 -26.90
C THR F 97 0.32 26.94 -27.41
N LEU F 98 -0.27 27.36 -28.53
CA LEU F 98 0.10 28.55 -29.26
C LEU F 98 -1.13 29.43 -29.47
N TYR F 99 -0.92 30.74 -29.40
CA TYR F 99 -1.98 31.70 -29.66
C TYR F 99 -1.74 32.38 -31.02
N GLY F 100 -2.79 33.01 -31.52
CA GLY F 100 -2.68 33.85 -32.71
C GLY F 100 -2.91 33.14 -34.02
N PHE F 101 -3.06 31.83 -34.03
CA PHE F 101 -3.40 31.07 -35.22
C PHE F 101 -4.72 30.35 -35.01
N GLY F 102 -5.67 31.03 -34.38
CA GLY F 102 -6.92 30.41 -34.00
C GLY F 102 -6.74 29.50 -32.79
N GLY F 103 -7.78 28.72 -32.53
CA GLY F 103 -7.76 27.77 -31.44
C GLY F 103 -7.90 28.39 -30.06
N LYS G 14 -36.29 -16.00 -25.60
CA LYS G 14 -36.23 -14.57 -25.31
C LYS G 14 -35.19 -14.32 -24.22
N ALA G 15 -34.98 -15.32 -23.37
CA ALA G 15 -34.04 -15.22 -22.28
C ALA G 15 -32.61 -15.18 -22.83
N SER G 16 -32.01 -13.99 -22.81
CA SER G 16 -30.69 -13.77 -23.36
C SER G 16 -29.81 -13.09 -22.33
N GLN G 17 -28.50 -13.29 -22.48
CA GLN G 17 -27.54 -12.73 -21.54
C GLN G 17 -27.16 -11.31 -21.99
N SER G 18 -26.11 -10.77 -21.38
CA SER G 18 -25.74 -9.37 -21.59
C SER G 18 -25.02 -9.19 -22.92
N ARG G 19 -24.52 -7.99 -23.16
CA ARG G 19 -23.81 -7.68 -24.39
C ARG G 19 -22.31 -7.88 -24.26
N SER G 20 -21.82 -8.22 -23.06
CA SER G 20 -20.39 -8.45 -22.88
C SER G 20 -19.96 -9.77 -23.52
N ALA G 21 -20.70 -10.85 -23.23
CA ALA G 21 -20.37 -12.12 -23.86
C ALA G 21 -20.88 -12.20 -25.28
N LYS G 22 -21.86 -11.37 -25.65
CA LYS G 22 -22.21 -11.22 -27.06
C LYS G 22 -21.10 -10.54 -27.84
N ALA G 23 -20.31 -9.70 -27.18
CA ALA G 23 -19.08 -9.18 -27.74
C ALA G 23 -17.87 -10.00 -27.33
N GLY G 24 -18.06 -11.02 -26.50
CA GLY G 24 -16.96 -11.85 -26.04
C GLY G 24 -15.97 -11.13 -25.15
N LEU G 25 -16.46 -10.29 -24.24
CA LEU G 25 -15.60 -9.49 -23.38
C LEU G 25 -15.98 -9.72 -21.92
N THR G 26 -14.99 -9.52 -21.05
CA THR G 26 -15.16 -9.78 -19.63
C THR G 26 -15.58 -8.55 -18.83
N PHE G 27 -15.06 -7.36 -19.17
CA PHE G 27 -15.43 -6.14 -18.49
C PHE G 27 -16.88 -5.77 -18.81
N PRO G 28 -17.61 -5.17 -17.86
CA PRO G 28 -19.04 -4.89 -18.08
C PRO G 28 -19.28 -3.78 -19.09
N VAL G 29 -19.85 -4.12 -20.24
CA VAL G 29 -20.12 -3.13 -21.26
C VAL G 29 -21.28 -2.23 -20.85
N GLY G 30 -22.26 -2.76 -20.12
CA GLY G 30 -23.37 -1.95 -19.67
C GLY G 30 -22.96 -0.91 -18.64
N ARG G 31 -22.02 -1.26 -17.78
CA ARG G 31 -21.57 -0.33 -16.74
C ARG G 31 -20.77 0.81 -17.33
N VAL G 32 -19.84 0.50 -18.25
CA VAL G 32 -19.07 1.56 -18.89
C VAL G 32 -19.95 2.37 -19.83
N HIS G 33 -21.00 1.75 -20.40
CA HIS G 33 -21.97 2.50 -21.17
C HIS G 33 -22.74 3.48 -20.30
N ARG G 34 -23.13 3.04 -19.10
CA ARG G 34 -23.81 3.90 -18.13
C ARG G 34 -22.92 5.06 -17.71
N LEU G 35 -21.63 4.79 -17.50
CA LEU G 35 -20.67 5.84 -17.23
C LEU G 35 -20.51 6.77 -18.42
N LEU G 36 -20.71 6.28 -19.63
CA LEU G 36 -20.64 7.15 -20.80
C LEU G 36 -21.86 8.04 -20.94
N ARG G 37 -23.04 7.59 -20.51
CA ARG G 37 -24.24 8.44 -20.62
C ARG G 37 -24.15 9.68 -19.74
N ARG G 38 -24.12 9.50 -18.42
CA ARG G 38 -24.07 10.64 -17.51
C ARG G 38 -22.66 11.03 -17.14
N GLY G 39 -21.68 10.64 -17.95
CA GLY G 39 -20.37 11.24 -17.84
C GLY G 39 -20.22 12.54 -18.60
N ASN G 40 -21.31 12.98 -19.25
CA ASN G 40 -21.45 14.20 -20.05
C ASN G 40 -20.28 14.45 -21.00
N TYR G 41 -19.79 13.36 -21.60
CA TYR G 41 -18.84 13.52 -22.69
C TYR G 41 -19.53 13.91 -23.99
N ALA G 42 -20.68 13.29 -24.27
CA ALA G 42 -21.58 13.73 -25.32
C ALA G 42 -22.98 13.25 -25.00
N GLN G 43 -23.96 13.86 -25.65
CA GLN G 43 -25.34 13.45 -25.46
C GLN G 43 -25.74 12.32 -26.40
N ARG G 44 -24.96 12.06 -27.44
CA ARG G 44 -25.26 11.00 -28.40
C ARG G 44 -24.11 10.00 -28.41
N ILE G 45 -24.41 8.74 -28.13
CA ILE G 45 -23.40 7.70 -28.00
C ILE G 45 -23.80 6.53 -28.88
N GLY G 46 -22.90 6.13 -29.78
CA GLY G 46 -23.17 5.00 -30.64
C GLY G 46 -22.99 3.67 -29.94
N SER G 47 -23.34 2.61 -30.65
CA SER G 47 -23.29 1.27 -30.07
C SER G 47 -21.88 0.70 -30.02
N GLY G 48 -21.02 1.05 -30.99
CA GLY G 48 -19.69 0.46 -31.03
C GLY G 48 -18.70 1.05 -30.06
N ALA G 49 -18.96 2.26 -29.58
CA ALA G 49 -18.06 2.90 -28.63
C ALA G 49 -17.93 2.17 -27.29
N PRO G 50 -19.00 1.71 -26.61
CA PRO G 50 -18.76 0.97 -25.36
C PRO G 50 -18.08 -0.38 -25.54
N VAL G 51 -18.40 -1.13 -26.60
CA VAL G 51 -17.73 -2.42 -26.78
C VAL G 51 -16.26 -2.21 -27.16
N TYR G 52 -15.95 -1.15 -27.92
CA TYR G 52 -14.57 -0.87 -28.28
C TYR G 52 -13.77 -0.44 -27.06
N LEU G 53 -14.36 0.43 -26.22
CA LEU G 53 -13.69 0.88 -25.00
C LEU G 53 -13.50 -0.29 -24.03
N THR G 54 -14.49 -1.18 -23.96
CA THR G 54 -14.40 -2.37 -23.12
C THR G 54 -13.25 -3.26 -23.56
N ALA G 55 -13.10 -3.45 -24.87
CA ALA G 55 -12.00 -4.28 -25.38
C ALA G 55 -10.64 -3.64 -25.11
N VAL G 56 -10.54 -2.31 -25.27
CA VAL G 56 -9.27 -1.63 -25.02
C VAL G 56 -8.87 -1.71 -23.56
N LEU G 57 -9.82 -1.46 -22.64
CA LEU G 57 -9.51 -1.55 -21.23
C LEU G 57 -9.21 -2.98 -20.80
N GLU G 58 -9.86 -3.96 -21.43
CA GLU G 58 -9.56 -5.36 -21.16
C GLU G 58 -8.13 -5.71 -21.58
N TYR G 59 -7.69 -5.22 -22.74
CA TYR G 59 -6.33 -5.49 -23.21
C TYR G 59 -5.29 -4.85 -22.29
N LEU G 60 -5.52 -3.58 -21.91
CA LEU G 60 -4.57 -2.89 -21.02
C LEU G 60 -4.49 -3.57 -19.66
N ALA G 61 -5.64 -3.96 -19.10
CA ALA G 61 -5.64 -4.66 -17.82
C ALA G 61 -4.96 -6.02 -17.92
N ALA G 62 -5.16 -6.72 -19.05
CA ALA G 62 -4.55 -8.04 -19.21
C ALA G 62 -3.03 -7.95 -19.29
N GLU G 63 -2.50 -6.97 -20.02
CA GLU G 63 -1.05 -6.87 -20.11
C GLU G 63 -0.43 -6.36 -18.81
N ILE G 64 -1.15 -5.48 -18.10
CA ILE G 64 -0.67 -4.98 -16.81
C ILE G 64 -0.63 -6.12 -15.79
N LEU G 65 -1.66 -6.97 -15.80
CA LEU G 65 -1.67 -8.13 -14.92
C LEU G 65 -0.63 -9.16 -15.32
N GLU G 66 -0.29 -9.28 -16.61
CA GLU G 66 0.76 -10.22 -17.00
C GLU G 66 2.13 -9.77 -16.50
N LEU G 67 2.42 -8.46 -16.63
CA LEU G 67 3.68 -7.94 -16.09
C LEU G 67 3.70 -8.00 -14.56
N ALA G 68 2.56 -7.77 -13.91
CA ALA G 68 2.51 -7.94 -12.46
C ALA G 68 2.72 -9.41 -12.07
N GLY G 69 2.18 -10.33 -12.88
CA GLY G 69 2.32 -11.74 -12.58
C GLY G 69 3.74 -12.25 -12.69
N ASN G 70 4.45 -11.87 -13.77
CA ASN G 70 5.82 -12.37 -13.87
C ASN G 70 6.77 -11.57 -12.97
N ALA G 71 6.37 -10.35 -12.58
CA ALA G 71 7.09 -9.65 -11.53
C ALA G 71 6.97 -10.38 -10.20
N ALA G 72 5.78 -10.93 -9.90
CA ALA G 72 5.62 -11.70 -8.67
C ALA G 72 6.30 -13.05 -8.75
N ARG G 73 6.28 -13.70 -9.92
CA ARG G 73 6.94 -15.00 -10.06
C ARG G 73 8.46 -14.85 -10.02
N ASP G 74 8.99 -13.69 -10.40
CA ASP G 74 10.42 -13.45 -10.23
C ASP G 74 10.79 -13.32 -8.76
N ASN G 75 9.88 -12.78 -7.94
CA ASN G 75 10.08 -12.65 -6.51
C ASN G 75 9.46 -13.85 -5.78
N LYS G 76 8.94 -14.81 -6.57
CA LYS G 76 8.34 -16.10 -6.13
C LYS G 76 7.31 -15.94 -5.01
N LYS G 77 6.52 -14.88 -5.07
CA LYS G 77 5.43 -14.66 -4.14
C LYS G 77 4.11 -15.08 -4.77
N THR G 78 3.02 -14.85 -4.08
CA THR G 78 1.70 -15.15 -4.62
C THR G 78 0.78 -13.94 -4.67
N ARG G 79 0.79 -13.12 -3.63
CA ARG G 79 -0.02 -11.91 -3.57
C ARG G 79 0.73 -10.76 -4.20
N ILE G 80 0.02 -9.96 -4.99
CA ILE G 80 0.63 -8.85 -5.72
C ILE G 80 0.83 -7.70 -4.75
N ILE G 81 2.05 -7.54 -4.26
CA ILE G 81 2.47 -6.39 -3.47
C ILE G 81 2.58 -5.22 -4.44
N PRO G 82 2.40 -3.97 -4.02
CA PRO G 82 2.64 -2.84 -4.93
C PRO G 82 4.08 -2.70 -5.42
N ARG G 83 5.04 -3.34 -4.75
CA ARG G 83 6.39 -3.42 -5.30
C ARG G 83 6.39 -4.15 -6.64
N HIS G 84 5.59 -5.22 -6.75
CA HIS G 84 5.46 -5.94 -8.01
C HIS G 84 4.85 -5.05 -9.10
N LEU G 85 3.87 -4.23 -8.74
CA LEU G 85 3.25 -3.34 -9.73
C LEU G 85 4.20 -2.24 -10.17
N GLN G 86 4.98 -1.69 -9.24
CA GLN G 86 5.93 -0.64 -9.58
C GLN G 86 7.03 -1.21 -10.46
N LEU G 87 7.52 -2.41 -10.16
CA LEU G 87 8.54 -3.01 -10.99
C LEU G 87 7.98 -3.56 -12.29
N ALA G 88 6.67 -3.77 -12.38
CA ALA G 88 6.06 -4.13 -13.64
C ALA G 88 5.88 -2.91 -14.53
N ILE G 89 5.50 -1.78 -13.95
CA ILE G 89 5.19 -0.60 -14.75
C ILE G 89 6.45 0.14 -15.15
N ARG G 90 7.30 0.48 -14.18
CA ARG G 90 8.39 1.41 -14.48
C ARG G 90 9.60 0.74 -15.12
N ASN G 91 9.56 -0.58 -15.31
CA ASN G 91 10.62 -1.27 -16.04
C ASN G 91 10.26 -1.50 -17.50
N ASP G 92 9.10 -1.01 -17.94
CA ASP G 92 8.69 -1.09 -19.34
C ASP G 92 8.57 0.32 -19.89
N ASP G 93 9.23 0.57 -21.01
CA ASP G 93 9.31 1.93 -21.54
C ASP G 93 8.00 2.40 -22.16
N GLU G 94 7.19 1.48 -22.68
CA GLU G 94 5.86 1.85 -23.17
C GLU G 94 4.97 2.31 -22.01
N LEU G 95 5.06 1.64 -20.87
CA LEU G 95 4.32 2.08 -19.69
C LEU G 95 4.96 3.29 -19.06
N ASN G 96 6.27 3.48 -19.26
CA ASN G 96 6.92 4.71 -18.83
C ASN G 96 6.41 5.91 -19.62
N LYS G 97 6.18 5.73 -20.92
CA LYS G 97 5.54 6.77 -21.71
C LYS G 97 4.08 6.96 -21.32
N LEU G 98 3.38 5.87 -21.01
CA LEU G 98 1.97 5.99 -20.68
C LEU G 98 1.76 6.51 -19.26
N LEU G 99 2.66 6.14 -18.34
CA LEU G 99 2.46 6.49 -16.94
C LEU G 99 3.61 7.35 -16.42
N GLY G 100 3.97 8.38 -17.18
CA GLY G 100 5.15 9.16 -16.85
C GLY G 100 5.02 9.99 -15.58
N ASN G 101 3.86 10.60 -15.37
CA ASN G 101 3.70 11.58 -14.30
C ASN G 101 3.01 11.01 -13.07
N VAL G 102 2.75 9.72 -13.03
CA VAL G 102 2.00 9.14 -11.93
C VAL G 102 2.96 8.82 -10.80
N THR G 103 2.45 8.83 -9.58
CA THR G 103 3.15 8.32 -8.41
C THR G 103 2.33 7.19 -7.83
N ILE G 104 2.98 6.10 -7.47
CA ILE G 104 2.30 4.88 -7.06
C ILE G 104 2.43 4.71 -5.56
N ALA G 105 1.37 4.24 -4.91
CA ALA G 105 1.40 3.99 -3.47
C ALA G 105 2.19 2.72 -3.17
N GLN G 106 3.12 2.84 -2.21
CA GLN G 106 3.95 1.73 -1.69
C GLN G 106 4.76 1.06 -2.80
N GLY G 107 5.27 1.88 -3.70
CA GLY G 107 5.98 1.35 -4.86
C GLY G 107 7.50 1.38 -4.73
N GLY G 108 8.03 2.34 -3.99
CA GLY G 108 9.47 2.44 -3.85
C GLY G 108 10.13 3.00 -5.10
N VAL G 109 11.46 2.89 -5.11
CA VAL G 109 12.25 3.39 -6.22
C VAL G 109 12.92 2.22 -6.95
N LEU G 110 13.21 2.42 -8.23
CA LEU G 110 13.88 1.54 -9.18
C LEU G 110 15.32 1.29 -8.74
N PRO G 111 15.78 0.03 -8.75
CA PRO G 111 17.20 -0.23 -8.43
C PRO G 111 18.12 0.18 -9.57
N ASN G 112 18.86 1.26 -9.38
CA ASN G 112 19.85 1.70 -10.36
C ASN G 112 20.99 2.44 -9.66
N ILE G 113 22.13 2.54 -10.35
CA ILE G 113 23.31 3.22 -9.82
C ILE G 113 24.11 3.75 -11.01
N HIS G 114 24.72 4.92 -10.84
CA HIS G 114 25.57 5.48 -11.88
C HIS G 114 26.95 4.81 -11.83
N GLN G 115 27.57 4.70 -13.00
CA GLN G 115 28.87 4.02 -13.10
C GLN G 115 29.99 4.82 -12.46
N ASN G 116 29.91 6.15 -12.50
CA ASN G 116 30.89 6.99 -11.80
C ASN G 116 30.76 6.87 -10.30
N LEU G 117 29.57 6.52 -9.80
CA LEU G 117 29.40 6.29 -8.37
C LEU G 117 30.01 4.97 -7.92
N LEU G 118 30.22 4.04 -8.83
CA LEU G 118 30.85 2.78 -8.49
C LEU G 118 32.34 3.01 -8.20
N PRO G 119 32.92 2.23 -7.28
CA PRO G 119 34.37 2.35 -7.03
C PRO G 119 35.19 1.73 -8.14
N LYS G 120 35.42 2.51 -9.20
CA LYS G 120 36.09 1.99 -10.39
C LYS G 120 37.59 1.77 -10.18
N LYS G 121 38.17 2.40 -9.14
CA LYS G 121 39.59 2.32 -8.80
C LYS G 121 40.51 2.74 -9.95
N ARG H 37 -23.50 0.82 -0.29
CA ARG H 37 -23.53 0.33 -1.66
C ARG H 37 -22.47 1.05 -2.50
N LYS H 38 -21.50 0.29 -2.99
CA LYS H 38 -20.34 0.85 -3.66
C LYS H 38 -20.22 0.31 -5.07
N GLU H 39 -19.31 0.91 -5.84
CA GLU H 39 -19.02 0.47 -7.21
C GLU H 39 -17.52 0.27 -7.36
N THR H 40 -17.15 -0.74 -8.14
CA THR H 40 -15.76 -1.09 -8.40
C THR H 40 -15.70 -1.95 -9.65
N TYR H 41 -14.49 -2.33 -10.05
CA TYR H 41 -14.26 -3.23 -11.17
C TYR H 41 -13.62 -4.52 -10.68
N SER H 42 -13.78 -4.81 -9.38
CA SER H 42 -12.90 -5.75 -8.70
C SER H 42 -13.10 -7.19 -9.16
N SER H 43 -14.37 -7.57 -9.38
CA SER H 43 -14.66 -8.94 -9.80
C SER H 43 -14.11 -9.22 -11.18
N TYR H 44 -14.18 -8.24 -12.08
CA TYR H 44 -13.75 -8.43 -13.46
C TYR H 44 -12.24 -8.54 -13.58
N ILE H 45 -11.52 -7.64 -12.91
CA ILE H 45 -10.06 -7.73 -12.95
C ILE H 45 -9.58 -8.93 -12.15
N TYR H 46 -10.35 -9.34 -11.11
CA TYR H 46 -10.07 -10.58 -10.40
C TYR H 46 -10.18 -11.78 -11.32
N LYS H 47 -11.24 -11.86 -12.12
CA LYS H 47 -11.42 -13.04 -12.94
C LYS H 47 -10.57 -13.03 -14.20
N VAL H 48 -10.11 -11.86 -14.66
CA VAL H 48 -9.17 -11.87 -15.78
C VAL H 48 -7.76 -12.14 -15.28
N LEU H 49 -7.49 -11.83 -14.00
CA LEU H 49 -6.27 -12.31 -13.39
C LEU H 49 -6.28 -13.81 -13.16
N LYS H 50 -7.42 -14.35 -12.73
CA LYS H 50 -7.49 -15.76 -12.35
C LYS H 50 -7.39 -16.69 -13.56
N GLN H 51 -7.88 -16.25 -14.72
CA GLN H 51 -7.89 -17.11 -15.89
C GLN H 51 -6.52 -17.26 -16.53
N THR H 52 -5.58 -16.34 -16.27
CA THR H 52 -4.25 -16.45 -16.83
C THR H 52 -3.19 -16.90 -15.84
N HIS H 53 -3.38 -16.67 -14.54
CA HIS H 53 -2.48 -17.15 -13.51
C HIS H 53 -3.33 -17.52 -12.30
N PRO H 54 -3.77 -18.78 -12.23
CA PRO H 54 -4.69 -19.17 -11.15
C PRO H 54 -4.04 -19.20 -9.78
N ASP H 55 -2.73 -19.40 -9.71
CA ASP H 55 -2.03 -19.43 -8.43
C ASP H 55 -1.50 -18.05 -7.99
N THR H 56 -2.38 -17.05 -7.99
CA THR H 56 -1.96 -15.69 -7.71
C THR H 56 -3.00 -14.98 -6.87
N GLY H 57 -2.58 -14.45 -5.72
CA GLY H 57 -3.43 -13.58 -4.94
C GLY H 57 -3.22 -12.12 -5.30
N ILE H 58 -4.08 -11.26 -4.77
CA ILE H 58 -4.02 -9.83 -5.03
C ILE H 58 -4.23 -9.09 -3.71
N SER H 59 -3.42 -8.07 -3.46
CA SER H 59 -3.56 -7.22 -2.29
C SER H 59 -4.60 -6.15 -2.55
N GLN H 60 -5.29 -5.74 -1.48
CA GLN H 60 -6.34 -4.75 -1.60
C GLN H 60 -5.78 -3.37 -1.95
N LYS H 61 -4.55 -3.08 -1.52
CA LYS H 61 -3.89 -1.86 -1.94
C LYS H 61 -3.59 -1.90 -3.42
N SER H 62 -3.07 -3.03 -3.91
CA SER H 62 -2.87 -3.23 -5.34
C SER H 62 -4.19 -3.24 -6.08
N MET H 63 -5.25 -3.67 -5.42
CA MET H 63 -6.57 -3.74 -6.02
C MET H 63 -7.08 -2.33 -6.27
N SER H 64 -6.86 -1.43 -5.30
CA SER H 64 -7.18 -0.02 -5.47
C SER H 64 -6.25 0.65 -6.49
N ILE H 65 -4.99 0.21 -6.57
CA ILE H 65 -4.08 0.69 -7.61
C ILE H 65 -4.66 0.42 -8.99
N LEU H 66 -5.13 -0.80 -9.21
CA LEU H 66 -5.73 -1.17 -10.49
C LEU H 66 -7.01 -0.40 -10.75
N ASN H 67 -7.85 -0.21 -9.72
CA ASN H 67 -9.10 0.53 -9.89
C ASN H 67 -8.83 1.99 -10.28
N SER H 68 -7.89 2.65 -9.60
CA SER H 68 -7.55 4.02 -9.95
C SER H 68 -6.90 4.11 -11.31
N PHE H 69 -6.12 3.10 -11.69
CA PHE H 69 -5.48 3.08 -13.00
C PHE H 69 -6.50 2.99 -14.12
N VAL H 70 -7.46 2.06 -14.00
CA VAL H 70 -8.44 1.90 -15.07
C VAL H 70 -9.39 3.09 -15.11
N ASN H 71 -9.66 3.71 -13.95
CA ASN H 71 -10.45 4.93 -13.94
C ASN H 71 -9.72 6.07 -14.64
N ASP H 72 -8.41 6.18 -14.42
CA ASP H 72 -7.60 7.22 -15.05
C ASP H 72 -7.56 7.05 -16.56
N ILE H 73 -7.33 5.80 -17.02
CA ILE H 73 -7.26 5.54 -18.45
C ILE H 73 -8.59 5.80 -19.13
N PHE H 74 -9.69 5.34 -18.51
CA PHE H 74 -11.02 5.53 -19.07
C PHE H 74 -11.38 7.01 -19.14
N GLU H 75 -11.08 7.76 -18.08
CA GLU H 75 -11.40 9.19 -18.06
C GLU H 75 -10.58 9.95 -19.09
N ARG H 76 -9.30 9.60 -19.24
CA ARG H 76 -8.44 10.29 -20.21
C ARG H 76 -8.88 10.01 -21.63
N ILE H 77 -9.16 8.74 -21.95
CA ILE H 77 -9.56 8.38 -23.31
C ILE H 77 -10.94 8.95 -23.62
N ALA H 78 -11.82 9.04 -22.61
CA ALA H 78 -13.17 9.55 -22.87
C ALA H 78 -13.15 11.06 -23.06
N THR H 79 -12.35 11.79 -22.27
CA THR H 79 -12.32 13.24 -22.47
C THR H 79 -11.59 13.61 -23.76
N GLU H 80 -10.60 12.81 -24.18
CA GLU H 80 -10.01 13.05 -25.48
C GLU H 80 -10.97 12.80 -26.63
N ALA H 81 -11.66 11.66 -26.63
CA ALA H 81 -12.60 11.37 -27.69
C ALA H 81 -13.76 12.36 -27.71
N SER H 82 -14.17 12.80 -26.51
CA SER H 82 -15.23 13.79 -26.38
C SER H 82 -14.83 15.11 -27.00
N LYS H 83 -13.67 15.65 -26.65
CA LYS H 83 -13.35 16.97 -27.17
C LYS H 83 -12.94 16.91 -28.64
N LEU H 84 -12.38 15.79 -29.10
CA LEU H 84 -12.03 15.77 -30.53
C LEU H 84 -13.27 15.61 -31.39
N ALA H 85 -14.25 14.82 -30.92
CA ALA H 85 -15.51 14.71 -31.63
C ALA H 85 -16.30 16.01 -31.58
N ALA H 86 -16.22 16.73 -30.46
CA ALA H 86 -16.80 18.07 -30.44
C ALA H 86 -16.03 19.04 -31.31
N TYR H 87 -14.75 18.78 -31.58
CA TYR H 87 -13.94 19.73 -32.34
C TYR H 87 -14.32 19.70 -33.80
N ASN H 88 -14.78 18.56 -34.29
CA ASN H 88 -15.13 18.39 -35.69
C ASN H 88 -16.64 18.60 -35.87
N LYS H 89 -17.24 19.40 -34.97
CA LYS H 89 -18.68 19.72 -34.87
C LYS H 89 -19.58 18.49 -35.03
N LYS H 90 -19.18 17.40 -34.40
CA LYS H 90 -19.88 16.12 -34.46
C LYS H 90 -20.52 15.87 -33.10
N SER H 91 -21.83 15.62 -33.10
CA SER H 91 -22.58 15.53 -31.86
C SER H 91 -22.62 14.12 -31.28
N THR H 92 -22.04 13.14 -31.96
CA THR H 92 -22.23 11.72 -31.64
C THR H 92 -20.89 11.09 -31.32
N ILE H 93 -20.86 10.25 -30.30
CA ILE H 93 -19.70 9.41 -29.99
C ILE H 93 -19.92 8.05 -30.63
N SER H 94 -19.00 7.66 -31.50
CA SER H 94 -18.97 6.33 -32.12
C SER H 94 -17.59 5.72 -31.91
N ALA H 95 -17.39 4.55 -32.51
CA ALA H 95 -16.14 3.83 -32.32
C ALA H 95 -14.99 4.43 -33.12
N ARG H 96 -15.28 5.16 -34.20
CA ARG H 96 -14.22 5.69 -35.06
C ARG H 96 -13.43 6.78 -34.34
N GLU H 97 -14.11 7.70 -33.69
CA GLU H 97 -13.41 8.73 -32.95
C GLU H 97 -12.72 8.21 -31.70
N ILE H 98 -13.27 7.18 -31.06
CA ILE H 98 -12.54 6.69 -29.90
C ILE H 98 -11.34 5.85 -30.32
N GLN H 99 -11.37 5.19 -31.49
CA GLN H 99 -10.16 4.50 -31.91
C GLN H 99 -9.13 5.48 -32.45
N THR H 100 -9.59 6.62 -32.98
CA THR H 100 -8.69 7.73 -33.27
C THR H 100 -8.02 8.22 -32.01
N ALA H 101 -8.79 8.33 -30.92
CA ALA H 101 -8.21 8.79 -29.65
C ALA H 101 -7.24 7.77 -29.05
N VAL H 102 -7.51 6.47 -29.21
CA VAL H 102 -6.54 5.44 -28.85
C VAL H 102 -5.26 5.60 -29.66
N ARG H 103 -5.39 5.95 -30.93
CA ARG H 103 -4.20 6.24 -31.73
C ARG H 103 -3.50 7.53 -31.28
N LEU H 104 -4.22 8.43 -30.60
CA LEU H 104 -3.56 9.62 -30.05
C LEU H 104 -2.78 9.31 -28.77
N ILE H 105 -3.44 8.80 -27.73
CA ILE H 105 -2.75 8.66 -26.43
C ILE H 105 -1.75 7.50 -26.44
N LEU H 106 -2.20 6.29 -26.75
CA LEU H 106 -1.43 5.11 -26.40
C LEU H 106 -0.22 4.95 -27.32
N PRO H 107 0.92 4.52 -26.78
CA PRO H 107 2.11 4.29 -27.60
C PRO H 107 1.89 3.17 -28.62
N GLY H 108 2.57 3.32 -29.76
CA GLY H 108 2.05 2.81 -31.02
C GLY H 108 1.92 1.30 -31.12
N GLU H 109 2.86 0.57 -30.50
CA GLU H 109 2.81 -0.89 -30.58
C GLU H 109 1.66 -1.46 -29.73
N LEU H 110 1.52 -1.01 -28.49
CA LEU H 110 0.35 -1.45 -27.73
C LEU H 110 -0.92 -0.78 -28.23
N ALA H 111 -0.79 0.38 -28.87
CA ALA H 111 -1.93 1.00 -29.53
C ALA H 111 -2.45 0.15 -30.68
N LYS H 112 -1.57 -0.40 -31.51
CA LYS H 112 -2.05 -1.20 -32.62
C LYS H 112 -2.53 -2.57 -32.15
N HIS H 113 -1.94 -3.10 -31.07
CA HIS H 113 -2.52 -4.31 -30.45
C HIS H 113 -3.92 -4.02 -29.91
N ALA H 114 -4.10 -2.85 -29.28
CA ALA H 114 -5.38 -2.48 -28.71
C ALA H 114 -6.43 -2.27 -29.78
N VAL H 115 -6.07 -1.63 -30.89
CA VAL H 115 -7.08 -1.41 -31.93
C VAL H 115 -7.35 -2.71 -32.69
N SER H 116 -6.39 -3.63 -32.73
CA SER H 116 -6.67 -4.95 -33.30
C SER H 116 -7.68 -5.70 -32.44
N GLU H 117 -7.51 -5.64 -31.12
CA GLU H 117 -8.48 -6.22 -30.20
C GLU H 117 -9.84 -5.55 -30.31
N GLY H 118 -9.86 -4.22 -30.47
CA GLY H 118 -11.12 -3.52 -30.61
C GLY H 118 -11.86 -3.87 -31.88
N THR H 119 -11.15 -3.95 -33.01
CA THR H 119 -11.79 -4.34 -34.26
C THR H 119 -12.31 -5.77 -34.22
N ARG H 120 -11.55 -6.71 -33.63
CA ARG H 120 -12.07 -8.07 -33.59
C ARG H 120 -13.27 -8.17 -32.65
N ALA H 121 -13.26 -7.43 -31.55
CA ALA H 121 -14.39 -7.43 -30.63
C ALA H 121 -15.62 -6.80 -31.25
N VAL H 122 -15.45 -5.71 -32.01
CA VAL H 122 -16.62 -5.05 -32.58
C VAL H 122 -17.13 -5.81 -33.81
N THR H 123 -16.28 -6.55 -34.51
CA THR H 123 -16.79 -7.40 -35.58
C THR H 123 -17.49 -8.62 -35.02
N LYS H 124 -17.04 -9.11 -33.86
CA LYS H 124 -17.78 -10.18 -33.19
C LYS H 124 -19.12 -9.68 -32.67
N TYR H 125 -19.16 -8.46 -32.13
CA TYR H 125 -20.41 -7.92 -31.59
C TYR H 125 -21.39 -7.56 -32.68
N SER H 126 -20.91 -6.99 -33.79
CA SER H 126 -21.79 -6.60 -34.89
C SER H 126 -22.38 -7.80 -35.61
N SER H 127 -21.72 -8.96 -35.58
CA SER H 127 -22.26 -10.19 -36.15
C SER H 127 -23.11 -10.89 -35.10
N SER H 128 -24.19 -10.23 -34.72
CA SER H 128 -25.14 -10.77 -33.75
C SER H 128 -26.24 -11.58 -34.44
N THR H 129 -25.83 -12.60 -35.18
CA THR H 129 -26.73 -13.42 -35.95
C THR H 129 -26.74 -14.86 -35.46
N LYS K 707 -13.39 -30.96 52.25
CA LYS K 707 -14.21 -32.16 52.41
C LYS K 707 -13.34 -33.39 52.57
N GLU K 708 -12.04 -33.22 52.37
CA GLU K 708 -11.07 -34.30 52.42
C GLU K 708 -9.81 -33.84 53.14
N TYR K 709 -8.72 -34.59 52.99
CA TYR K 709 -7.46 -34.26 53.66
C TYR K 709 -6.75 -33.07 53.04
N GLN K 710 -7.27 -32.50 51.96
CA GLN K 710 -6.69 -31.31 51.33
C GLN K 710 -6.87 -30.05 52.16
N LEU K 711 -7.70 -30.09 53.21
CA LEU K 711 -7.86 -28.93 54.08
C LEU K 711 -6.57 -28.60 54.82
N LYS K 712 -5.86 -29.61 55.32
CA LYS K 712 -4.58 -29.35 55.97
C LYS K 712 -3.52 -28.94 54.95
N GLY K 713 -3.66 -29.40 53.70
CA GLY K 713 -2.76 -28.96 52.65
C GLY K 713 -2.94 -27.50 52.32
N LEU K 714 -4.20 -27.05 52.20
CA LEU K 714 -4.44 -25.64 51.92
C LEU K 714 -4.13 -24.77 53.14
N ASN K 715 -4.26 -25.32 54.34
CA ASN K 715 -3.80 -24.61 55.53
C ASN K 715 -2.28 -24.47 55.56
N TRP K 716 -1.55 -25.50 55.12
CA TRP K 716 -0.09 -25.40 55.03
C TRP K 716 0.32 -24.40 53.96
N LEU K 717 -0.41 -24.38 52.84
CA LEU K 717 -0.14 -23.38 51.79
C LEU K 717 -0.47 -21.97 52.26
N ALA K 718 -1.53 -21.81 53.04
CA ALA K 718 -1.86 -20.51 53.61
C ALA K 718 -0.85 -20.08 54.66
N ASN K 719 -0.28 -21.05 55.41
CA ASN K 719 0.75 -20.74 56.39
C ASN K 719 2.03 -20.26 55.70
N LEU K 720 2.45 -20.94 54.63
CA LEU K 720 3.63 -20.46 53.90
C LEU K 720 3.32 -19.20 53.09
N TYR K 721 2.04 -18.97 52.77
CA TYR K 721 1.62 -17.69 52.22
C TYR K 721 1.76 -16.58 53.25
N ASP K 722 1.38 -16.85 54.49
CA ASP K 722 1.53 -15.87 55.56
C ASP K 722 3.00 -15.62 55.89
N GLN K 723 3.85 -16.64 55.72
CA GLN K 723 5.29 -16.42 55.78
C GLN K 723 5.76 -15.52 54.64
N GLY K 724 5.24 -15.73 53.44
CA GLY K 724 5.49 -14.87 52.32
C GLY K 724 6.26 -15.46 51.15
N ILE K 725 6.31 -16.79 51.01
CA ILE K 725 7.00 -17.42 49.89
C ILE K 725 5.97 -18.14 49.02
N ASN K 726 6.40 -18.48 47.81
CA ASN K 726 5.53 -19.07 46.81
C ASN K 726 5.56 -20.59 46.91
N GLY K 727 4.45 -21.22 46.54
CA GLY K 727 4.21 -22.62 46.81
C GLY K 727 4.60 -23.56 45.68
N ILE K 728 4.88 -24.80 46.07
CA ILE K 728 5.19 -25.91 45.17
C ILE K 728 4.30 -27.09 45.52
N LEU K 729 3.58 -27.60 44.52
CA LEU K 729 2.85 -28.84 44.64
C LEU K 729 3.50 -29.87 43.71
N ALA K 730 3.86 -31.02 44.28
CA ALA K 730 4.57 -32.08 43.56
C ALA K 730 3.73 -33.34 43.52
N ASP K 731 2.44 -33.18 43.25
CA ASP K 731 1.49 -34.28 43.35
C ASP K 731 0.95 -34.62 41.98
N GLU K 732 0.69 -35.91 41.78
CA GLU K 732 0.13 -36.41 40.53
C GLU K 732 -1.31 -35.94 40.37
N MET K 733 -1.70 -35.68 39.13
CA MET K 733 -3.04 -35.16 38.87
C MET K 733 -4.03 -36.32 38.90
N GLY K 734 -5.17 -36.07 39.53
CA GLY K 734 -6.21 -37.08 39.60
C GLY K 734 -6.97 -37.08 40.91
N LEU K 735 -6.37 -36.57 41.98
CA LEU K 735 -7.06 -36.49 43.26
C LEU K 735 -7.99 -35.29 43.34
N GLY K 736 -8.00 -34.42 42.34
CA GLY K 736 -8.90 -33.28 42.36
C GLY K 736 -8.28 -32.03 42.94
N LYS K 737 -7.17 -31.56 42.37
CA LYS K 737 -6.55 -30.33 42.85
C LYS K 737 -7.33 -29.08 42.47
N THR K 738 -8.31 -29.20 41.55
CA THR K 738 -9.11 -28.06 41.15
C THR K 738 -10.00 -27.56 42.28
N VAL K 739 -10.67 -28.49 42.99
CA VAL K 739 -11.50 -28.09 44.12
C VAL K 739 -10.62 -27.58 45.26
N GLN K 740 -9.39 -28.09 45.36
CA GLN K 740 -8.42 -27.53 46.31
C GLN K 740 -8.09 -26.09 46.00
N SER K 741 -7.87 -25.77 44.71
CA SER K 741 -7.52 -24.41 44.32
C SER K 741 -8.69 -23.44 44.51
N ILE K 742 -9.91 -23.89 44.17
CA ILE K 742 -11.06 -23.00 44.38
C ILE K 742 -11.38 -22.87 45.87
N SER K 743 -11.03 -23.87 46.68
CA SER K 743 -11.16 -23.71 48.13
C SER K 743 -10.13 -22.76 48.69
N VAL K 744 -8.93 -22.73 48.10
CA VAL K 744 -7.91 -21.76 48.51
C VAL K 744 -8.39 -20.34 48.21
N LEU K 745 -8.94 -20.13 47.01
CA LEU K 745 -9.46 -18.79 46.67
C LEU K 745 -10.67 -18.41 47.51
N ALA K 746 -11.55 -19.37 47.81
CA ALA K 746 -12.70 -19.10 48.66
C ALA K 746 -12.27 -18.75 50.09
N HIS K 747 -11.28 -19.46 50.63
CA HIS K 747 -10.81 -19.15 51.97
C HIS K 747 -10.02 -17.85 52.01
N LEU K 748 -9.35 -17.47 50.93
CA LEU K 748 -8.71 -16.16 50.90
C LEU K 748 -9.75 -15.04 50.83
N ALA K 749 -10.84 -15.25 50.08
CA ALA K 749 -11.92 -14.27 50.05
C ALA K 749 -12.66 -14.21 51.38
N GLU K 750 -12.68 -15.31 52.12
CA GLU K 750 -13.23 -15.28 53.47
C GLU K 750 -12.27 -14.62 54.46
N ASN K 751 -10.96 -14.79 54.24
CA ASN K 751 -9.97 -14.30 55.19
C ASN K 751 -9.76 -12.80 55.06
N HIS K 752 -9.28 -12.34 53.92
CA HIS K 752 -8.94 -10.93 53.75
C HIS K 752 -9.62 -10.29 52.55
N ASN K 753 -10.66 -10.96 52.02
CA ASN K 753 -11.65 -10.37 51.11
C ASN K 753 -11.04 -9.81 49.83
N ILE K 754 -10.53 -10.72 49.00
CA ILE K 754 -10.10 -10.38 47.65
C ILE K 754 -11.00 -11.15 46.67
N TRP K 755 -11.59 -10.43 45.72
CA TRP K 755 -12.45 -11.03 44.72
C TRP K 755 -11.97 -10.75 43.30
N GLY K 756 -10.96 -9.89 43.12
CA GLY K 756 -10.66 -9.31 41.84
C GLY K 756 -9.60 -10.03 41.05
N PRO K 757 -8.37 -9.48 41.06
CA PRO K 757 -7.32 -9.94 40.14
C PRO K 757 -6.84 -11.35 40.49
N PHE K 758 -7.22 -12.31 39.66
CA PHE K 758 -6.78 -13.68 39.77
C PHE K 758 -6.47 -14.20 38.38
N LEU K 759 -5.41 -14.98 38.25
CA LEU K 759 -4.99 -15.51 36.96
C LEU K 759 -4.96 -17.03 37.01
N VAL K 760 -5.45 -17.65 35.94
CA VAL K 760 -5.37 -19.09 35.74
C VAL K 760 -4.74 -19.33 34.38
N VAL K 761 -3.56 -19.96 34.38
CA VAL K 761 -2.84 -20.28 33.16
C VAL K 761 -2.99 -21.78 32.92
N THR K 762 -3.56 -22.15 31.78
CA THR K 762 -4.09 -23.49 31.60
C THR K 762 -4.12 -23.83 30.12
N PRO K 763 -3.68 -25.03 29.73
CA PRO K 763 -3.73 -25.42 28.32
C PRO K 763 -5.16 -25.51 27.79
N ALA K 764 -5.27 -25.39 26.46
CA ALA K 764 -6.57 -25.23 25.81
C ALA K 764 -7.44 -26.48 25.92
N SER K 765 -6.82 -27.65 26.12
CA SER K 765 -7.59 -28.86 26.33
C SER K 765 -8.35 -28.83 27.65
N THR K 766 -7.73 -28.34 28.72
CA THR K 766 -8.38 -28.26 30.01
C THR K 766 -8.95 -26.88 30.33
N LEU K 767 -8.88 -25.93 29.41
CA LEU K 767 -9.44 -24.59 29.67
C LEU K 767 -10.94 -24.64 29.86
N HIS K 768 -11.66 -25.24 28.90
CA HIS K 768 -13.10 -25.39 29.05
C HIS K 768 -13.46 -26.37 30.16
N ASN K 769 -12.57 -27.33 30.45
CA ASN K 769 -12.78 -28.22 31.58
C ASN K 769 -12.79 -27.46 32.89
N TRP K 770 -11.76 -26.63 33.13
CA TRP K 770 -11.67 -25.84 34.36
C TRP K 770 -12.83 -24.85 34.46
N VAL K 771 -13.25 -24.29 33.31
CA VAL K 771 -14.47 -23.50 33.25
C VAL K 771 -15.68 -24.33 33.70
N ASN K 772 -15.72 -25.60 33.32
CA ASN K 772 -16.85 -26.46 33.71
C ASN K 772 -16.87 -26.73 35.21
N GLU K 773 -15.73 -27.07 35.84
CA GLU K 773 -15.81 -27.26 37.30
C GLU K 773 -16.03 -25.97 38.08
N ILE K 774 -15.52 -24.82 37.61
CA ILE K 774 -15.82 -23.61 38.38
C ILE K 774 -17.25 -23.13 38.12
N SER K 775 -17.86 -23.59 37.02
CA SER K 775 -19.28 -23.31 36.82
C SER K 775 -20.13 -24.18 37.72
N LYS K 776 -19.79 -25.47 37.85
CA LYS K 776 -20.64 -26.35 38.63
C LYS K 776 -20.45 -26.16 40.14
N PHE K 777 -19.22 -25.89 40.59
CA PHE K 777 -18.94 -26.01 42.01
C PHE K 777 -19.15 -24.69 42.76
N LEU K 778 -18.47 -23.63 42.34
CA LEU K 778 -18.54 -22.34 43.02
C LEU K 778 -19.06 -21.30 42.04
N PRO K 779 -20.39 -21.11 41.95
CA PRO K 779 -20.93 -20.16 40.97
C PRO K 779 -21.03 -18.74 41.50
N GLN K 780 -20.37 -18.45 42.63
CA GLN K 780 -20.44 -17.11 43.20
C GLN K 780 -19.60 -16.12 42.41
N PHE K 781 -18.43 -16.54 41.93
CA PHE K 781 -17.56 -15.66 41.19
C PHE K 781 -18.12 -15.39 39.81
N LYS K 782 -17.61 -14.33 39.17
CA LYS K 782 -17.98 -13.98 37.81
C LYS K 782 -16.86 -14.44 36.88
N ILE K 783 -17.18 -15.38 36.00
CA ILE K 783 -16.21 -16.08 35.19
C ILE K 783 -16.04 -15.34 33.86
N LEU K 784 -14.80 -15.03 33.51
CA LEU K 784 -14.46 -14.40 32.23
C LEU K 784 -13.47 -15.26 31.47
N PRO K 785 -13.89 -15.93 30.40
CA PRO K 785 -12.94 -16.61 29.53
C PRO K 785 -12.14 -15.58 28.73
N TYR K 786 -10.89 -15.97 28.41
CA TYR K 786 -10.03 -15.11 27.60
C TYR K 786 -9.38 -16.02 26.56
N TRP K 787 -10.07 -16.18 25.43
CA TRP K 787 -9.58 -16.91 24.27
C TRP K 787 -10.34 -16.45 23.04
N GLY K 788 -9.77 -16.73 21.87
CA GLY K 788 -10.47 -16.45 20.63
C GLY K 788 -9.70 -15.55 19.68
N ASN K 789 -10.40 -15.01 18.68
CA ASN K 789 -9.81 -14.14 17.69
C ASN K 789 -9.58 -12.74 18.25
N ALA K 790 -9.09 -11.84 17.40
CA ALA K 790 -8.52 -10.58 17.87
C ALA K 790 -9.59 -9.59 18.32
N ASN K 791 -10.73 -9.54 17.61
CA ASN K 791 -11.76 -8.57 17.96
C ASN K 791 -12.45 -8.95 19.27
N ASP K 792 -12.71 -10.24 19.47
CA ASP K 792 -13.23 -10.70 20.76
C ASP K 792 -12.22 -10.52 21.87
N ARG K 793 -10.93 -10.67 21.55
CA ARG K 793 -9.87 -10.42 22.52
C ARG K 793 -9.85 -8.95 22.95
N LYS K 794 -10.02 -8.05 21.99
CA LYS K 794 -10.14 -6.63 22.30
C LYS K 794 -11.41 -6.31 23.09
N VAL K 795 -12.51 -7.01 22.80
CA VAL K 795 -13.74 -6.86 23.56
C VAL K 795 -13.52 -7.26 25.02
N LEU K 796 -12.83 -8.38 25.25
CA LEU K 796 -12.48 -8.78 26.60
C LEU K 796 -11.52 -7.82 27.28
N ARG K 797 -10.49 -7.33 26.59
CA ARG K 797 -9.56 -6.36 27.18
C ARG K 797 -10.25 -5.05 27.53
N LYS K 798 -11.24 -4.66 26.74
CA LYS K 798 -12.10 -3.55 27.11
C LYS K 798 -12.94 -3.89 28.33
N PHE K 799 -13.36 -5.15 28.44
CA PHE K 799 -14.38 -5.52 29.41
C PHE K 799 -13.82 -5.55 30.83
N TRP K 800 -12.52 -5.82 31.01
CA TRP K 800 -11.80 -5.39 32.20
C TRP K 800 -11.09 -4.07 31.94
N ASP K 801 -11.86 -2.97 31.94
CA ASP K 801 -11.27 -1.64 31.85
C ASP K 801 -10.42 -1.34 33.08
N ARG K 802 -10.92 -1.74 34.26
CA ARG K 802 -10.25 -1.63 35.56
C ARG K 802 -9.87 -0.19 35.91
N LYS K 803 -8.56 0.08 35.94
CA LYS K 803 -7.94 1.31 36.46
C LYS K 803 -8.43 1.62 37.88
N ASN K 804 -8.60 0.57 38.68
CA ASN K 804 -8.98 0.70 40.07
C ASN K 804 -8.35 -0.48 40.79
N LEU K 805 -7.18 -0.28 41.37
CA LEU K 805 -6.35 -1.37 41.86
C LEU K 805 -6.88 -1.90 43.19
N ARG K 806 -6.13 -2.82 43.78
CA ARG K 806 -6.42 -3.55 45.02
C ARG K 806 -7.74 -4.32 44.84
N TYR K 807 -8.53 -4.42 45.90
CA TYR K 807 -9.72 -5.26 45.87
C TYR K 807 -10.93 -4.48 45.40
N ASN K 808 -11.69 -5.09 44.49
CA ASN K 808 -12.98 -4.58 44.06
C ASN K 808 -14.00 -5.71 44.17
N LYS K 809 -15.24 -5.35 44.48
CA LYS K 809 -16.30 -6.31 44.72
C LYS K 809 -17.24 -6.47 43.54
N ASN K 810 -17.79 -5.37 43.03
CA ASN K 810 -18.72 -5.43 41.90
C ASN K 810 -17.97 -5.06 40.62
N ALA K 811 -17.16 -6.01 40.17
CA ALA K 811 -16.50 -5.90 38.88
C ALA K 811 -16.25 -7.34 38.42
N PRO K 812 -16.56 -7.67 37.18
CA PRO K 812 -16.65 -9.09 36.80
C PRO K 812 -15.34 -9.77 36.40
N PHE K 813 -14.21 -9.19 36.77
CA PHE K 813 -12.89 -9.71 36.42
C PHE K 813 -12.36 -10.73 37.44
N HIS K 814 -13.27 -11.47 38.09
CA HIS K 814 -12.90 -12.39 39.17
C HIS K 814 -11.98 -13.49 38.68
N VAL K 815 -12.28 -14.06 37.52
CA VAL K 815 -11.55 -15.23 37.02
C VAL K 815 -11.03 -14.91 35.62
N MET K 816 -9.71 -14.90 35.48
CA MET K 816 -9.03 -14.84 34.19
C MET K 816 -8.49 -16.23 33.88
N VAL K 817 -8.89 -16.79 32.74
CA VAL K 817 -8.33 -18.06 32.27
C VAL K 817 -7.70 -17.84 30.90
N THR K 818 -6.51 -18.40 30.72
CA THR K 818 -5.76 -18.23 29.49
C THR K 818 -4.76 -19.37 29.34
N SER K 819 -4.08 -19.37 28.21
CA SER K 819 -3.05 -20.37 27.92
C SER K 819 -1.67 -19.75 28.05
N TYR K 820 -0.66 -20.61 27.92
CA TYR K 820 0.73 -20.15 27.93
C TYR K 820 1.02 -19.25 26.74
N GLN K 821 0.49 -19.59 25.57
CA GLN K 821 0.74 -18.79 24.38
C GLN K 821 0.05 -17.42 24.43
N MET K 822 -1.08 -17.30 25.13
CA MET K 822 -1.76 -16.02 25.09
C MET K 822 -1.33 -15.18 26.28
N VAL K 823 -0.65 -15.81 27.23
CA VAL K 823 0.30 -15.10 28.08
C VAL K 823 1.44 -14.54 27.22
N VAL K 824 1.99 -15.35 26.31
CA VAL K 824 3.21 -14.99 25.60
C VAL K 824 2.95 -13.90 24.55
N THR K 825 1.91 -14.07 23.74
CA THR K 825 1.63 -13.19 22.62
C THR K 825 0.93 -11.91 23.04
N ASP K 826 0.39 -11.87 24.25
CA ASP K 826 -0.22 -10.67 24.80
C ASP K 826 0.55 -10.19 26.02
N ALA K 827 1.84 -10.55 26.08
CA ALA K 827 2.70 -10.09 27.16
C ALA K 827 2.94 -8.59 27.10
N ASN K 828 3.00 -8.01 25.89
CA ASN K 828 2.96 -6.56 25.76
C ASN K 828 1.63 -6.01 26.25
N TYR K 829 0.53 -6.69 25.92
CA TYR K 829 -0.79 -6.32 26.43
C TYR K 829 -0.96 -6.60 27.90
N LEU K 830 -0.26 -7.59 28.45
CA LEU K 830 -0.37 -7.91 29.86
C LEU K 830 0.87 -7.52 30.66
N GLN K 831 1.73 -6.64 30.12
CA GLN K 831 2.83 -6.11 30.91
C GLN K 831 2.32 -5.22 32.03
N LYS K 832 1.20 -4.54 31.81
CA LYS K 832 0.55 -3.71 32.81
C LYS K 832 -0.36 -4.57 33.69
N MET K 833 -1.20 -3.89 34.47
CA MET K 833 -2.26 -4.47 35.31
C MET K 833 -1.64 -5.43 36.33
N LYS K 834 -1.01 -4.82 37.35
CA LYS K 834 -0.38 -5.54 38.44
C LYS K 834 -1.36 -6.50 39.12
N TRP K 835 -1.11 -7.79 38.96
CA TRP K 835 -1.99 -8.84 39.45
C TRP K 835 -1.69 -9.14 40.91
N GLN K 836 -2.58 -9.91 41.53
CA GLN K 836 -2.44 -10.27 42.92
C GLN K 836 -2.11 -11.74 43.15
N TYR K 837 -2.64 -12.64 42.33
CA TYR K 837 -2.54 -14.06 42.62
C TYR K 837 -2.72 -14.82 41.31
N MET K 838 -1.65 -15.42 40.79
CA MET K 838 -1.75 -16.21 39.58
C MET K 838 -1.65 -17.69 39.93
N ILE K 839 -2.37 -18.51 39.19
CA ILE K 839 -2.30 -19.96 39.31
C ILE K 839 -1.80 -20.51 37.99
N LEU K 840 -0.69 -21.23 38.03
CA LEU K 840 -0.12 -21.84 36.84
C LEU K 840 -0.22 -23.35 37.00
N ASP K 841 -1.17 -23.95 36.30
CA ASP K 841 -1.44 -25.37 36.39
C ASP K 841 -0.68 -26.13 35.32
N GLU K 842 -0.26 -27.34 35.66
CA GLU K 842 0.52 -28.24 34.80
C GLU K 842 1.79 -27.54 34.31
N ALA K 843 2.70 -27.30 35.26
CA ALA K 843 3.91 -26.53 35.01
C ALA K 843 5.04 -27.37 34.46
N GLN K 844 4.72 -28.48 33.78
CA GLN K 844 5.70 -29.21 32.99
C GLN K 844 6.24 -28.38 31.84
N ALA K 845 5.49 -27.40 31.35
CA ALA K 845 5.86 -26.62 30.17
C ALA K 845 6.57 -25.31 30.52
N ILE K 846 7.02 -25.14 31.76
CA ILE K 846 7.72 -23.92 32.16
C ILE K 846 9.16 -24.21 32.53
N LYS K 847 9.56 -25.49 32.57
CA LYS K 847 10.82 -25.90 33.17
C LYS K 847 12.04 -25.43 32.37
N SER K 848 11.87 -25.17 31.08
CA SER K 848 12.95 -24.69 30.24
C SER K 848 13.19 -23.21 30.52
N SER K 849 14.44 -22.86 30.80
CA SER K 849 14.81 -21.49 31.10
C SER K 849 15.11 -20.67 29.85
N GLN K 850 15.04 -21.28 28.66
CA GLN K 850 15.28 -20.58 27.41
C GLN K 850 14.00 -20.26 26.66
N SER K 851 12.84 -20.57 27.24
CA SER K 851 11.56 -20.33 26.59
C SER K 851 11.20 -18.85 26.62
N SER K 852 10.45 -18.42 25.61
CA SER K 852 9.91 -17.06 25.63
C SER K 852 8.81 -16.93 26.67
N ARG K 853 8.04 -18.01 26.88
CA ARG K 853 7.06 -18.04 27.96
C ARG K 853 7.74 -17.93 29.32
N TRP K 854 8.93 -18.50 29.46
CA TRP K 854 9.73 -18.33 30.67
C TRP K 854 10.12 -16.87 30.88
N LYS K 855 10.48 -16.17 29.81
CA LYS K 855 10.86 -14.76 29.91
C LYS K 855 9.66 -13.90 30.31
N ASN K 856 8.53 -14.09 29.64
CA ASN K 856 7.38 -13.24 29.96
C ASN K 856 6.66 -13.66 31.24
N LEU K 857 6.92 -14.86 31.76
CA LEU K 857 6.35 -15.24 33.04
C LEU K 857 7.25 -14.85 34.20
N LEU K 858 8.56 -14.76 33.96
CA LEU K 858 9.44 -14.18 34.97
C LEU K 858 9.19 -12.69 35.13
N SER K 859 8.90 -12.00 34.03
CA SER K 859 8.76 -10.54 34.03
C SER K 859 7.46 -10.08 34.65
N PHE K 860 6.53 -10.99 34.96
CA PHE K 860 5.29 -10.60 35.61
C PHE K 860 5.52 -10.25 37.06
N HIS K 861 4.92 -9.14 37.47
CA HIS K 861 5.08 -8.57 38.80
C HIS K 861 3.81 -8.71 39.63
N CYS K 862 3.13 -9.85 39.47
CA CYS K 862 2.00 -10.30 40.28
C CYS K 862 2.39 -10.52 41.74
N ARG K 863 3.67 -10.80 41.98
CA ARG K 863 4.28 -10.95 43.32
C ARG K 863 3.70 -12.12 44.10
N ASN K 864 3.27 -13.17 43.38
CA ASN K 864 2.94 -14.46 43.98
C ASN K 864 2.99 -15.50 42.86
N ARG K 865 3.85 -16.50 43.01
CA ARG K 865 4.19 -17.43 41.93
C ARG K 865 3.94 -18.87 42.36
N LEU K 866 2.71 -19.12 42.85
CA LEU K 866 2.29 -20.48 43.14
C LEU K 866 2.29 -21.34 41.88
N LEU K 867 2.90 -22.51 41.96
CA LEU K 867 3.03 -23.42 40.83
C LEU K 867 2.25 -24.69 41.10
N LEU K 868 1.45 -25.11 40.11
CA LEU K 868 0.72 -26.37 40.15
C LEU K 868 1.20 -27.24 39.01
N THR K 869 1.61 -28.48 39.33
CA THR K 869 2.13 -29.37 38.31
C THR K 869 1.89 -30.81 38.74
N GLY K 870 1.95 -31.71 37.76
CA GLY K 870 1.85 -33.13 38.07
C GLY K 870 3.19 -33.71 38.45
N THR K 871 4.16 -33.62 37.56
CA THR K 871 5.50 -34.17 37.77
C THR K 871 6.54 -33.07 37.62
N PRO K 872 7.10 -32.56 38.72
CA PRO K 872 8.20 -31.60 38.61
C PRO K 872 9.55 -32.29 38.61
N ILE K 873 9.57 -33.59 38.33
CA ILE K 873 10.69 -34.46 38.65
C ILE K 873 11.35 -34.92 37.34
N GLN K 874 11.37 -34.01 36.36
CA GLN K 874 11.94 -34.27 35.04
C GLN K 874 13.44 -34.50 35.06
N ASN K 875 14.13 -34.15 36.16
CA ASN K 875 15.55 -34.39 36.46
C ASN K 875 16.48 -34.05 35.29
N SER K 876 16.36 -32.79 34.86
CA SER K 876 17.19 -32.27 33.78
C SER K 876 18.37 -31.46 34.29
N MET K 877 18.64 -31.50 35.62
CA MET K 877 19.79 -30.96 36.35
C MET K 877 19.76 -29.43 36.41
N GLN K 878 18.84 -28.80 35.70
CA GLN K 878 18.69 -27.36 35.64
C GLN K 878 17.27 -26.91 35.93
N GLU K 879 16.27 -27.75 35.66
CA GLU K 879 14.88 -27.38 35.86
C GLU K 879 14.52 -27.31 37.34
N LEU K 880 15.27 -27.99 38.21
CA LEU K 880 15.12 -27.76 39.65
C LEU K 880 15.53 -26.34 40.01
N TRP K 881 16.65 -25.88 39.44
CA TRP K 881 17.07 -24.49 39.62
C TRP K 881 16.10 -23.52 38.96
N ALA K 882 15.46 -23.94 37.87
CA ALA K 882 14.45 -23.10 37.22
C ALA K 882 13.22 -22.93 38.09
N LEU K 883 12.72 -24.01 38.69
CA LEU K 883 11.54 -23.89 39.54
C LEU K 883 11.86 -23.16 40.84
N LEU K 884 13.07 -23.36 41.38
CA LEU K 884 13.50 -22.60 42.54
C LEU K 884 13.64 -21.11 42.23
N HIS K 885 14.14 -20.79 41.03
CA HIS K 885 14.25 -19.40 40.63
C HIS K 885 12.88 -18.79 40.37
N PHE K 886 11.91 -19.57 39.89
CA PHE K 886 10.58 -19.04 39.67
C PHE K 886 9.82 -18.86 40.99
N ILE K 887 10.13 -19.66 42.01
CA ILE K 887 9.52 -19.44 43.31
C ILE K 887 10.03 -18.16 43.96
N MET K 888 11.36 -17.98 43.97
CA MET K 888 11.93 -16.76 44.53
C MET K 888 13.07 -16.31 43.65
N PRO K 889 12.93 -15.23 42.89
CA PRO K 889 13.97 -14.86 41.91
C PRO K 889 15.21 -14.24 42.52
N SER K 890 15.10 -13.69 43.74
CA SER K 890 16.24 -13.00 44.32
C SER K 890 17.31 -13.98 44.80
N LEU K 891 16.90 -15.05 45.45
CA LEU K 891 17.84 -15.97 46.07
C LEU K 891 18.48 -16.94 45.09
N PHE K 892 17.81 -17.26 43.99
CA PHE K 892 18.23 -18.34 43.11
C PHE K 892 18.45 -17.78 41.71
N ASP K 893 19.72 -17.49 41.38
CA ASP K 893 20.08 -17.02 40.04
C ASP K 893 21.28 -17.73 39.45
N SER K 894 22.21 -18.25 40.25
CA SER K 894 23.49 -18.76 39.76
C SER K 894 23.42 -20.28 39.68
N HIS K 895 23.28 -20.80 38.45
CA HIS K 895 23.20 -22.24 38.25
C HIS K 895 24.54 -22.93 38.52
N ASP K 896 25.66 -22.23 38.31
CA ASP K 896 26.96 -22.81 38.57
C ASP K 896 27.20 -23.03 40.06
N GLU K 897 26.70 -22.09 40.89
CA GLU K 897 26.82 -22.26 42.34
C GLU K 897 25.94 -23.40 42.84
N PHE K 898 24.82 -23.68 42.16
CA PHE K 898 24.02 -24.83 42.51
C PHE K 898 24.65 -26.13 42.01
N ASN K 899 25.38 -26.07 40.89
CA ASN K 899 26.07 -27.25 40.38
C ASN K 899 27.23 -27.63 41.28
N GLU K 900 27.98 -26.63 41.78
CA GLU K 900 29.06 -26.93 42.72
C GLU K 900 28.52 -27.31 44.09
N TRP K 901 27.40 -26.71 44.51
CA TRP K 901 26.74 -27.05 45.76
C TRP K 901 25.43 -27.79 45.52
N GLN K 919 26.70 -40.02 47.08
CA GLN K 919 26.47 -39.05 48.13
C GLN K 919 25.67 -37.85 47.62
N GLN K 920 25.56 -37.74 46.30
CA GLN K 920 24.76 -36.67 45.71
C GLN K 920 23.26 -36.93 45.91
N LEU K 921 22.88 -38.21 45.96
CA LEU K 921 21.48 -38.57 46.13
C LEU K 921 20.97 -38.26 47.54
N ARG K 922 21.78 -38.50 48.56
CA ARG K 922 21.35 -38.28 49.94
C ARG K 922 21.25 -36.80 50.28
N ARG K 923 22.23 -36.01 49.88
CA ARG K 923 22.33 -34.60 50.24
C ARG K 923 21.23 -33.74 49.63
N LEU K 924 20.80 -34.04 48.40
CA LEU K 924 19.77 -33.25 47.74
C LEU K 924 18.37 -33.51 48.28
N HIS K 925 18.19 -34.52 49.14
CA HIS K 925 16.87 -34.78 49.72
C HIS K 925 16.47 -33.70 50.72
N MET K 926 17.39 -33.29 51.59
CA MET K 926 17.09 -32.32 52.63
C MET K 926 17.21 -30.88 52.15
N ILE K 927 17.76 -30.66 50.97
CA ILE K 927 17.79 -29.32 50.39
C ILE K 927 16.38 -28.90 49.97
N LEU K 928 15.64 -29.81 49.35
CA LEU K 928 14.32 -29.54 48.82
C LEU K 928 13.20 -29.93 49.79
N LYS K 929 13.53 -30.27 51.03
CA LYS K 929 12.57 -30.87 51.95
C LYS K 929 11.37 -29.98 52.35
N PRO K 930 11.53 -28.74 52.85
CA PRO K 930 10.36 -28.06 53.43
C PRO K 930 9.40 -27.49 52.40
N PHE K 931 9.82 -27.28 51.15
CA PHE K 931 8.99 -26.61 50.16
C PHE K 931 7.89 -27.51 49.61
N MET K 932 8.15 -28.81 49.53
CA MET K 932 7.22 -29.74 48.90
C MET K 932 6.38 -30.48 49.94
N LEU K 933 5.26 -31.04 49.46
CA LEU K 933 4.40 -31.90 50.25
C LEU K 933 4.45 -33.31 49.69
N ARG K 934 4.50 -34.30 50.57
CA ARG K 934 4.65 -35.70 50.18
C ARG K 934 3.28 -36.37 50.21
N ARG K 935 2.69 -36.58 49.04
CA ARG K 935 1.43 -37.32 48.91
C ARG K 935 1.60 -38.39 47.84
N VAL K 936 0.76 -39.42 47.94
CA VAL K 936 0.78 -40.54 47.03
C VAL K 936 -0.67 -40.91 46.78
N LYS K 937 -0.94 -41.66 45.70
CA LYS K 937 -2.29 -42.11 45.43
C LYS K 937 -2.72 -43.28 46.30
N LYS K 938 -1.79 -43.93 47.00
CA LYS K 938 -2.11 -45.03 47.91
C LYS K 938 -2.33 -44.53 49.33
N ASN K 939 -3.18 -43.52 49.48
CA ASN K 939 -3.63 -43.06 50.79
C ASN K 939 -5.14 -43.14 50.96
N VAL K 940 -5.90 -43.13 49.88
CA VAL K 940 -7.34 -43.25 49.94
C VAL K 940 -7.71 -44.67 49.52
N GLN K 941 -8.99 -44.99 49.66
CA GLN K 941 -9.50 -46.28 49.22
C GLN K 941 -9.38 -46.40 47.70
N SER K 942 -8.86 -47.53 47.25
CA SER K 942 -8.46 -47.71 45.85
C SER K 942 -9.55 -48.49 45.13
N GLU K 943 -10.62 -47.78 44.76
CA GLU K 943 -11.60 -48.28 43.80
C GLU K 943 -11.34 -47.73 42.41
N LEU K 944 -10.20 -47.05 42.23
CA LEU K 944 -9.91 -46.40 40.96
C LEU K 944 -9.56 -47.40 39.87
N GLY K 945 -9.07 -48.58 40.24
CA GLY K 945 -8.85 -49.60 39.25
C GLY K 945 -7.45 -50.18 39.21
N ASP K 946 -6.58 -49.71 40.12
CA ASP K 946 -5.21 -50.14 40.46
C ASP K 946 -4.40 -50.66 39.27
N LYS K 947 -4.14 -49.75 38.32
CA LYS K 947 -3.80 -50.07 36.93
C LYS K 947 -2.60 -50.99 36.79
N ILE K 948 -2.76 -52.02 35.96
CA ILE K 948 -1.77 -53.07 35.78
C ILE K 948 -1.13 -52.91 34.41
N GLU K 949 0.20 -52.93 34.38
CA GLU K 949 0.96 -52.76 33.14
C GLU K 949 1.25 -54.13 32.54
N ILE K 950 0.34 -54.59 31.69
CA ILE K 950 0.59 -55.78 30.88
C ILE K 950 1.22 -55.36 29.56
N ASP K 951 2.37 -55.96 29.25
CA ASP K 951 3.16 -55.57 28.09
C ASP K 951 3.19 -56.71 27.08
N VAL K 952 3.23 -56.34 25.80
CA VAL K 952 3.23 -57.30 24.70
C VAL K 952 4.49 -57.07 23.89
N LEU K 953 5.26 -58.13 23.68
CA LEU K 953 6.47 -58.09 22.86
C LEU K 953 6.25 -58.93 21.61
N CYS K 954 6.58 -58.38 20.45
CA CYS K 954 6.38 -59.07 19.19
C CYS K 954 7.62 -58.91 18.33
N ASP K 955 7.73 -59.80 17.33
CA ASP K 955 8.82 -59.74 16.38
C ASP K 955 8.45 -58.83 15.22
N LEU K 956 9.36 -58.74 14.24
CA LEU K 956 9.08 -58.04 13.00
C LEU K 956 8.49 -58.99 11.97
N THR K 957 7.67 -58.44 11.07
CA THR K 957 7.31 -59.18 9.87
C THR K 957 8.47 -59.14 8.87
N GLN K 958 8.33 -59.90 7.78
CA GLN K 958 9.40 -59.93 6.78
C GLN K 958 9.50 -58.60 6.04
N ARG K 959 8.37 -57.92 5.83
CA ARG K 959 8.42 -56.54 5.36
C ARG K 959 9.02 -55.62 6.41
N GLN K 960 8.70 -55.86 7.69
CA GLN K 960 9.35 -55.11 8.75
C GLN K 960 10.78 -55.58 8.99
N ALA K 961 11.13 -56.80 8.55
CA ALA K 961 12.52 -57.21 8.59
C ALA K 961 13.35 -56.49 7.54
N LYS K 962 12.88 -56.46 6.29
CA LYS K 962 13.70 -56.00 5.18
C LYS K 962 14.00 -54.50 5.25
N LEU K 963 13.05 -53.71 5.79
CA LEU K 963 13.29 -52.30 6.03
C LEU K 963 14.42 -52.05 7.01
N TYR K 964 14.64 -52.97 7.96
CA TYR K 964 15.68 -52.77 8.95
C TYR K 964 17.08 -52.86 8.35
N GLN K 965 17.26 -53.61 7.26
CA GLN K 965 18.57 -53.56 6.63
C GLN K 965 18.62 -52.55 5.48
N VAL K 966 17.50 -52.21 4.85
CA VAL K 966 17.61 -51.21 3.78
C VAL K 966 17.63 -49.79 4.36
N LEU K 967 17.34 -49.64 5.66
CA LEU K 967 17.60 -48.36 6.29
C LEU K 967 19.09 -48.14 6.52
N LYS K 968 19.80 -49.18 6.95
CA LYS K 968 21.22 -49.07 7.25
C LYS K 968 22.08 -49.35 6.03
N SER K 969 21.49 -49.79 4.93
CA SER K 969 22.24 -49.99 3.69
C SER K 969 22.70 -48.66 3.10
N GLN K 970 21.87 -47.62 3.21
CA GLN K 970 22.26 -46.30 2.73
C GLN K 970 23.11 -45.54 3.74
N ILE K 971 23.30 -46.09 4.93
CA ILE K 971 24.20 -45.49 5.91
C ILE K 971 25.33 -46.46 6.24
N ALA K 1003 17.09 -38.17 11.95
CA ALA K 1003 17.86 -39.40 12.00
C ALA K 1003 17.06 -40.51 12.66
N VAL K 1004 16.77 -40.34 13.95
CA VAL K 1004 16.07 -41.38 14.69
C VAL K 1004 14.56 -41.28 14.50
N MET K 1005 14.08 -40.14 13.99
CA MET K 1005 12.65 -39.97 13.72
C MET K 1005 12.16 -40.84 12.58
N GLN K 1006 12.86 -40.89 11.45
CA GLN K 1006 12.55 -41.88 10.42
C GLN K 1006 13.02 -43.27 10.81
N PHE K 1007 13.95 -43.37 11.76
CA PHE K 1007 14.28 -44.66 12.35
C PHE K 1007 13.21 -45.14 13.32
N ARG K 1008 12.25 -44.30 13.68
CA ARG K 1008 11.17 -44.77 14.53
C ARG K 1008 9.97 -45.26 13.72
N LYS K 1009 9.56 -44.53 12.69
CA LYS K 1009 8.35 -44.83 11.95
C LYS K 1009 8.51 -46.01 11.00
N VAL K 1010 9.74 -46.44 10.75
CA VAL K 1010 9.96 -47.71 10.06
C VAL K 1010 9.49 -48.91 10.87
N CYS K 1011 9.54 -48.83 12.19
CA CYS K 1011 9.09 -49.90 13.06
C CYS K 1011 7.58 -50.05 13.09
N ASN K 1012 6.84 -48.95 12.92
CA ASN K 1012 5.40 -49.01 13.09
C ASN K 1012 4.71 -49.67 11.89
N HIS K 1013 4.95 -49.15 10.69
CA HIS K 1013 4.31 -49.71 9.52
C HIS K 1013 5.18 -49.52 8.28
N PRO K 1014 5.34 -50.57 7.46
CA PRO K 1014 6.11 -50.41 6.21
C PRO K 1014 5.45 -49.47 5.21
N ASP K 1015 4.15 -49.25 5.28
CA ASP K 1015 3.45 -48.34 4.37
C ASP K 1015 3.63 -46.88 4.74
N LEU K 1016 4.42 -46.57 5.77
CA LEU K 1016 4.64 -45.18 6.15
C LEU K 1016 5.65 -44.47 5.26
N PHE K 1017 6.21 -45.16 4.27
CA PHE K 1017 6.98 -44.51 3.22
C PHE K 1017 6.50 -44.83 1.82
N GLU K 1018 5.92 -46.00 1.57
CA GLU K 1018 5.38 -46.36 0.26
C GLU K 1018 4.05 -47.09 0.47
N ARG K 1019 2.97 -46.52 -0.04
CA ARG K 1019 1.69 -47.20 0.00
C ARG K 1019 1.59 -48.19 -1.14
N ALA K 1020 0.89 -49.30 -0.89
CA ALA K 1020 0.62 -50.26 -1.94
C ALA K 1020 -0.40 -49.68 -2.91
N ASP K 1021 -0.04 -49.72 -4.20
CA ASP K 1021 -0.90 -49.19 -5.25
C ASP K 1021 -1.25 -50.31 -6.22
N VAL K 1022 -1.93 -49.95 -7.31
CA VAL K 1022 -2.36 -50.91 -8.30
C VAL K 1022 -1.29 -51.10 -9.36
N PRO K 1289 -3.37 -52.91 -3.53
CA PRO K 1289 -3.58 -52.14 -2.29
C PRO K 1289 -4.48 -52.89 -1.33
N SER K 1290 -4.30 -54.20 -1.22
CA SER K 1290 -5.21 -55.02 -0.43
C SER K 1290 -5.03 -54.77 1.07
N MET K 1291 -6.15 -54.63 1.77
CA MET K 1291 -6.15 -54.34 3.20
C MET K 1291 -5.60 -55.51 4.01
N ASP K 1292 -5.85 -56.74 3.57
CA ASP K 1292 -5.40 -57.91 4.32
C ASP K 1292 -3.88 -58.06 4.29
N ARG K 1293 -3.23 -57.67 3.19
CA ARG K 1293 -1.78 -57.59 3.20
C ARG K 1293 -1.31 -56.33 3.91
N PHE K 1294 -2.15 -55.29 3.92
CA PHE K 1294 -1.81 -54.05 4.60
C PHE K 1294 -1.80 -54.23 6.11
N ILE K 1295 -2.68 -55.08 6.64
CA ILE K 1295 -2.79 -55.21 8.08
C ILE K 1295 -1.75 -56.20 8.62
N THR K 1296 -1.38 -57.19 7.80
CA THR K 1296 -0.48 -58.26 8.26
C THR K 1296 0.98 -57.97 7.95
N GLU K 1297 1.29 -56.90 7.24
CA GLU K 1297 2.67 -56.53 7.00
C GLU K 1297 3.29 -55.79 8.18
N SER K 1298 2.50 -55.43 9.18
CA SER K 1298 3.00 -54.88 10.43
C SER K 1298 2.53 -55.76 11.58
N ALA K 1299 3.48 -56.36 12.30
CA ALA K 1299 3.14 -57.27 13.38
C ALA K 1299 2.58 -56.53 14.58
N LYS K 1300 2.92 -55.24 14.72
CA LYS K 1300 2.30 -54.42 15.76
C LYS K 1300 0.80 -54.29 15.51
N LEU K 1301 0.42 -53.96 14.28
CA LEU K 1301 -0.99 -53.87 13.92
C LEU K 1301 -1.67 -55.23 13.90
N ARG K 1302 -0.90 -56.28 13.62
CA ARG K 1302 -1.46 -57.63 13.63
C ARG K 1302 -1.92 -58.03 15.01
N LYS K 1303 -1.14 -57.67 16.03
CA LYS K 1303 -1.50 -58.04 17.40
C LYS K 1303 -2.58 -57.14 17.98
N LEU K 1304 -2.84 -55.99 17.36
CA LEU K 1304 -3.96 -55.16 17.78
C LEU K 1304 -5.29 -55.85 17.51
N ASP K 1305 -5.41 -56.51 16.35
CA ASP K 1305 -6.67 -57.10 15.93
C ASP K 1305 -7.10 -58.26 16.82
N GLU K 1306 -6.14 -59.08 17.27
CA GLU K 1306 -6.47 -60.18 18.16
C GLU K 1306 -6.93 -59.67 19.53
N LEU K 1307 -6.29 -58.62 20.03
CA LEU K 1307 -6.75 -57.96 21.25
C LEU K 1307 -8.10 -57.29 21.02
N LEU K 1308 -8.30 -56.73 19.83
CA LEU K 1308 -9.53 -56.01 19.55
C LEU K 1308 -10.75 -56.94 19.46
N VAL K 1309 -10.52 -58.22 19.15
CA VAL K 1309 -11.60 -59.19 19.08
C VAL K 1309 -12.18 -59.44 20.47
N LYS K 1310 -11.29 -59.69 21.45
CA LYS K 1310 -11.77 -60.08 22.78
C LYS K 1310 -12.32 -58.88 23.55
N LEU K 1311 -11.81 -57.68 23.26
CA LEU K 1311 -12.36 -56.50 23.91
C LEU K 1311 -13.72 -56.13 23.34
N LYS K 1312 -13.92 -56.31 22.04
CA LYS K 1312 -15.25 -56.14 21.47
C LYS K 1312 -16.20 -57.26 21.91
N SER K 1313 -15.66 -58.47 22.08
CA SER K 1313 -16.45 -59.56 22.63
C SER K 1313 -16.90 -59.27 24.05
N GLU K 1314 -16.05 -58.61 24.84
CA GLU K 1314 -16.50 -58.11 26.12
C GLU K 1314 -17.35 -56.86 25.95
N GLY K 1315 -17.16 -56.15 24.84
CA GLY K 1315 -17.89 -54.90 24.59
C GLY K 1315 -17.38 -53.79 25.48
N HIS K 1316 -16.14 -53.36 25.25
CA HIS K 1316 -15.40 -52.63 26.26
C HIS K 1316 -14.84 -51.34 25.67
N ARG K 1317 -14.62 -50.35 26.54
CA ARG K 1317 -14.19 -49.01 26.14
C ARG K 1317 -12.68 -49.04 25.91
N VAL K 1318 -12.26 -48.63 24.72
CA VAL K 1318 -10.87 -48.76 24.27
C VAL K 1318 -10.30 -47.37 24.03
N LEU K 1319 -9.16 -47.08 24.65
CA LEU K 1319 -8.48 -45.81 24.49
C LEU K 1319 -7.11 -46.02 23.84
N ILE K 1320 -6.84 -45.26 22.79
CA ILE K 1320 -5.62 -45.42 22.01
C ILE K 1320 -4.87 -44.09 22.01
N TYR K 1321 -3.58 -44.14 22.32
CA TYR K 1321 -2.73 -42.96 22.30
C TYR K 1321 -1.73 -43.03 21.15
N PHE K 1322 -1.23 -41.87 20.75
CA PHE K 1322 -0.40 -41.78 19.55
C PHE K 1322 0.59 -40.64 19.65
N GLN K 1323 1.58 -40.68 18.76
CA GLN K 1323 2.71 -39.77 18.88
C GLN K 1323 2.90 -38.93 17.61
N MET K 1324 2.75 -39.54 16.44
CA MET K 1324 3.03 -38.87 15.18
C MET K 1324 1.80 -38.83 14.30
N THR K 1325 1.69 -37.77 13.49
CA THR K 1325 0.55 -37.57 12.60
C THR K 1325 0.45 -38.62 11.50
N LYS K 1326 1.56 -39.24 11.12
CA LYS K 1326 1.50 -40.29 10.11
C LYS K 1326 0.78 -41.53 10.64
N MET K 1327 1.17 -42.00 11.83
CA MET K 1327 0.46 -43.11 12.45
C MET K 1327 -0.91 -42.70 12.95
N MET K 1328 -1.13 -41.39 13.14
CA MET K 1328 -2.43 -40.89 13.57
C MET K 1328 -3.48 -41.07 12.49
N ASP K 1329 -3.06 -41.09 11.22
CA ASP K 1329 -3.96 -41.09 10.09
C ASP K 1329 -4.04 -42.45 9.39
N LEU K 1330 -3.80 -43.55 10.09
CA LEU K 1330 -3.90 -44.86 9.48
C LEU K 1330 -4.90 -45.79 10.14
N MET K 1331 -5.23 -45.57 11.42
CA MET K 1331 -6.11 -46.51 12.11
C MET K 1331 -7.55 -46.35 11.65
N GLU K 1332 -7.93 -45.15 11.22
CA GLU K 1332 -9.29 -44.96 10.73
C GLU K 1332 -9.55 -45.71 9.43
N GLU K 1333 -8.51 -46.00 8.64
CA GLU K 1333 -8.65 -46.96 7.56
C GLU K 1333 -8.89 -48.36 8.11
N TYR K 1334 -8.18 -48.72 9.17
CA TYR K 1334 -8.36 -50.02 9.80
C TYR K 1334 -9.70 -50.11 10.51
N LEU K 1335 -10.21 -48.97 11.00
CA LEU K 1335 -11.47 -48.97 11.72
C LEU K 1335 -12.67 -49.05 10.78
N THR K 1336 -12.46 -48.80 9.48
CA THR K 1336 -13.54 -48.98 8.51
C THR K 1336 -13.97 -50.42 8.40
N TYR K 1337 -13.04 -51.37 8.56
CA TYR K 1337 -13.39 -52.78 8.39
C TYR K 1337 -14.24 -53.26 9.54
N ARG K 1338 -13.95 -52.78 10.76
CA ARG K 1338 -14.77 -53.12 11.91
C ARG K 1338 -15.99 -52.23 12.05
N GLN K 1339 -16.04 -51.13 11.29
CA GLN K 1339 -17.12 -50.13 11.33
C GLN K 1339 -17.33 -49.58 12.74
N TYR K 1340 -16.22 -49.34 13.44
CA TYR K 1340 -16.29 -48.91 14.82
C TYR K 1340 -16.58 -47.42 14.91
N ASN K 1341 -17.42 -47.07 15.89
CA ASN K 1341 -17.59 -45.68 16.26
C ASN K 1341 -16.28 -45.17 16.85
N HIS K 1342 -15.71 -44.14 16.22
CA HIS K 1342 -14.41 -43.64 16.63
C HIS K 1342 -14.31 -42.14 16.35
N ILE K 1343 -13.75 -41.42 17.30
CA ILE K 1343 -13.48 -39.99 17.17
C ILE K 1343 -12.03 -39.73 17.55
N ARG K 1344 -11.30 -39.10 16.65
CA ARG K 1344 -9.91 -38.74 16.85
C ARG K 1344 -9.83 -37.33 17.39
N LEU K 1345 -8.88 -37.10 18.30
CA LEU K 1345 -8.58 -35.77 18.81
C LEU K 1345 -7.09 -35.52 18.69
N ASP K 1346 -6.72 -34.27 18.39
CA ASP K 1346 -5.31 -33.88 18.33
C ASP K 1346 -5.09 -32.40 18.64
N SER K 1348 -4.48 -29.71 17.00
CA SER K 1348 -4.95 -29.34 15.68
C SER K 1348 -6.46 -29.25 15.64
N SER K 1349 -7.12 -30.11 16.41
CA SER K 1349 -8.58 -30.08 16.51
C SER K 1349 -9.04 -28.83 17.23
N LYS K 1350 -10.25 -28.39 16.90
CA LYS K 1350 -10.80 -27.18 17.50
C LYS K 1350 -11.19 -27.43 18.95
N LEU K 1351 -11.03 -26.38 19.76
CA LEU K 1351 -11.28 -26.51 21.20
C LEU K 1351 -12.76 -26.65 21.51
N GLU K 1352 -13.62 -26.08 20.66
CA GLU K 1352 -15.05 -26.27 20.85
C GLU K 1352 -15.46 -27.68 20.45
N ASP K 1353 -14.69 -28.31 19.56
CA ASP K 1353 -14.89 -29.74 19.32
C ASP K 1353 -14.35 -30.57 20.47
N ARG K 1354 -13.39 -30.04 21.22
CA ARG K 1354 -12.97 -30.72 22.44
C ARG K 1354 -14.00 -30.62 23.55
N ARG K 1355 -14.96 -29.69 23.42
CA ARG K 1355 -16.02 -29.58 24.41
C ARG K 1355 -17.02 -30.72 24.32
N ASP K 1356 -17.70 -30.84 23.18
CA ASP K 1356 -18.81 -31.78 23.05
C ASP K 1356 -18.36 -33.22 22.89
N LEU K 1357 -17.18 -33.46 22.32
CA LEU K 1357 -16.77 -34.83 22.02
C LEU K 1357 -16.37 -35.56 23.29
N VAL K 1358 -15.73 -34.86 24.22
CA VAL K 1358 -15.53 -35.40 25.57
C VAL K 1358 -16.87 -35.57 26.27
N HIS K 1359 -17.78 -34.60 26.08
CA HIS K 1359 -19.13 -34.69 26.61
C HIS K 1359 -19.90 -35.84 25.96
N ASP K 1360 -19.65 -36.09 24.67
CA ASP K 1360 -20.22 -37.28 24.02
C ASP K 1360 -19.64 -38.55 24.61
N TRP K 1361 -18.36 -38.52 24.97
CA TRP K 1361 -17.73 -39.71 25.55
C TRP K 1361 -18.29 -40.04 26.93
N GLN K 1362 -18.40 -39.05 27.80
CA GLN K 1362 -18.84 -39.36 29.15
C GLN K 1362 -20.35 -39.47 29.27
N THR K 1363 -21.08 -39.36 28.16
CA THR K 1363 -22.52 -39.60 28.14
C THR K 1363 -22.89 -40.83 27.31
N ASN K 1364 -22.41 -40.92 26.07
CA ASN K 1364 -22.81 -42.04 25.22
C ASN K 1364 -22.09 -43.31 25.63
N PRO K 1365 -22.81 -44.42 25.81
CA PRO K 1365 -22.16 -45.71 26.04
C PRO K 1365 -21.89 -46.52 24.79
N GLU K 1366 -22.46 -46.13 23.64
CA GLU K 1366 -22.29 -46.87 22.40
C GLU K 1366 -20.97 -46.55 21.70
N ILE K 1367 -20.19 -45.61 22.24
CA ILE K 1367 -18.91 -45.21 21.68
C ILE K 1367 -17.82 -46.06 22.32
N PHE K 1368 -16.86 -46.54 21.52
CA PHE K 1368 -15.83 -47.45 22.02
C PHE K 1368 -14.40 -46.99 21.76
N VAL K 1369 -14.15 -46.33 20.65
CA VAL K 1369 -12.80 -46.16 20.11
C VAL K 1369 -12.42 -44.68 20.09
N PHE K 1370 -11.21 -44.38 20.55
CA PHE K 1370 -10.65 -43.03 20.55
C PHE K 1370 -9.20 -43.03 20.14
N LEU K 1371 -8.86 -42.24 19.12
CA LEU K 1371 -7.47 -41.97 18.79
C LEU K 1371 -7.07 -40.64 19.43
N LEU K 1372 -6.05 -40.68 20.28
CA LEU K 1372 -5.57 -39.49 20.99
C LEU K 1372 -4.09 -39.27 20.74
N SER K 1373 -3.70 -37.99 20.72
CA SER K 1373 -2.30 -37.66 20.86
C SER K 1373 -1.95 -37.52 22.34
N THR K 1374 -0.75 -37.01 22.61
CA THR K 1374 -0.23 -37.05 23.97
C THR K 1374 -0.54 -35.76 24.72
N ARG K 1375 -0.13 -34.61 24.17
CA ARG K 1375 -0.15 -33.35 24.89
C ARG K 1375 -1.54 -32.74 24.98
N ALA K 1376 -2.54 -33.28 24.27
CA ALA K 1376 -3.90 -32.80 24.38
C ALA K 1376 -4.75 -33.69 25.28
N GLY K 1377 -4.84 -34.98 24.94
CA GLY K 1377 -5.67 -35.88 25.72
C GLY K 1377 -5.04 -36.45 26.96
N GLY K 1378 -3.72 -36.37 27.08
CA GLY K 1378 -3.04 -36.92 28.24
C GLY K 1378 -2.86 -35.91 29.34
N LEU K 1379 -3.60 -34.81 29.28
CA LEU K 1379 -3.53 -33.75 30.29
C LEU K 1379 -4.95 -33.46 30.76
N GLY K 1380 -5.27 -33.89 31.98
CA GLY K 1380 -6.37 -33.35 32.77
C GLY K 1380 -7.78 -33.54 32.25
N ILE K 1381 -8.00 -34.39 31.27
CA ILE K 1381 -9.36 -34.62 30.77
C ILE K 1381 -9.98 -35.76 31.56
N ASN K 1382 -11.23 -35.58 31.98
CA ASN K 1382 -11.94 -36.57 32.78
C ASN K 1382 -12.32 -37.75 31.90
N LEU K 1383 -11.62 -38.87 32.08
CA LEU K 1383 -11.84 -40.07 31.26
C LEU K 1383 -12.09 -41.29 32.13
N THR K 1384 -13.00 -41.16 33.10
CA THR K 1384 -13.19 -42.23 34.08
C THR K 1384 -14.08 -43.37 33.59
N ALA K 1385 -14.64 -43.28 32.39
CA ALA K 1385 -15.49 -44.35 31.89
C ALA K 1385 -14.75 -45.35 31.01
N ALA K 1386 -13.41 -45.27 30.94
CA ALA K 1386 -12.60 -46.25 30.24
C ALA K 1386 -11.49 -46.74 31.14
N ASP K 1387 -11.04 -47.96 30.85
CA ASP K 1387 -9.98 -48.61 31.63
C ASP K 1387 -8.90 -49.24 30.75
N THR K 1388 -9.28 -49.72 29.57
CA THR K 1388 -8.33 -50.36 28.66
C THR K 1388 -7.68 -49.29 27.81
N VAL K 1389 -6.42 -48.96 28.13
CA VAL K 1389 -5.65 -47.95 27.42
C VAL K 1389 -4.45 -48.64 26.79
N ILE K 1390 -4.28 -48.46 25.49
CA ILE K 1390 -3.15 -49.01 24.75
C ILE K 1390 -2.18 -47.86 24.46
N PHE K 1391 -0.89 -48.14 24.65
CA PHE K 1391 0.17 -47.22 24.26
C PHE K 1391 0.86 -47.80 23.04
N TYR K 1392 0.63 -47.19 21.88
CA TYR K 1392 1.24 -47.69 20.66
C TYR K 1392 2.73 -47.41 20.62
N ASP K 1393 3.10 -46.13 20.69
CA ASP K 1393 4.51 -45.75 20.72
C ASP K 1393 4.79 -44.72 21.80
N SER K 1394 4.08 -44.77 22.92
CA SER K 1394 4.22 -43.80 24.01
C SER K 1394 5.47 -44.18 24.81
N ASP K 1395 6.63 -43.81 24.29
CA ASP K 1395 7.89 -44.15 24.94
C ASP K 1395 8.90 -43.00 24.87
N TRP K 1396 8.47 -41.80 24.47
CA TRP K 1396 9.41 -40.69 24.35
C TRP K 1396 9.79 -40.13 25.72
N ASN K 1397 8.82 -39.98 26.63
CA ASN K 1397 9.09 -39.38 27.93
C ASN K 1397 8.16 -40.01 28.96
N PRO K 1398 8.71 -40.62 30.01
CA PRO K 1398 7.85 -41.23 31.04
C PRO K 1398 7.00 -40.24 31.81
N THR K 1399 7.38 -38.95 31.87
CA THR K 1399 6.57 -37.97 32.57
C THR K 1399 5.26 -37.71 31.83
N ILE K 1400 5.31 -37.60 30.50
CA ILE K 1400 4.09 -37.45 29.71
C ILE K 1400 3.29 -38.73 29.74
N ASP K 1401 3.97 -39.88 29.75
CA ASP K 1401 3.28 -41.18 29.83
C ASP K 1401 2.56 -41.34 31.16
N SER K 1402 3.18 -40.87 32.25
CA SER K 1402 2.52 -40.88 33.55
C SER K 1402 1.32 -39.95 33.55
N GLN K 1403 1.44 -38.80 32.90
CA GLN K 1403 0.30 -37.89 32.75
C GLN K 1403 -0.79 -38.51 31.87
N ALA K 1404 -0.40 -39.22 30.82
CA ALA K 1404 -1.36 -39.85 29.93
C ALA K 1404 -2.12 -40.98 30.63
N MET K 1405 -1.42 -41.74 31.47
CA MET K 1405 -2.06 -42.76 32.27
C MET K 1405 -2.99 -42.15 33.31
N ASP K 1406 -2.59 -41.04 33.93
CA ASP K 1406 -3.44 -40.38 34.91
C ASP K 1406 -4.64 -39.67 34.29
N ARG K 1407 -4.65 -39.45 32.98
CA ARG K 1407 -5.80 -38.85 32.33
C ARG K 1407 -7.00 -39.79 32.35
N ALA K 1408 -6.76 -41.09 32.29
CA ALA K 1408 -7.83 -42.07 32.37
C ALA K 1408 -8.04 -42.59 33.80
N HIS K 1409 -6.95 -42.75 34.56
CA HIS K 1409 -7.02 -43.33 35.89
C HIS K 1409 -7.26 -42.21 36.91
N ARG K 1410 -8.48 -41.71 36.93
CA ARG K 1410 -8.90 -40.67 37.87
C ARG K 1410 -9.94 -41.24 38.83
N LEU K 1411 -10.36 -40.38 39.75
CA LEU K 1411 -11.43 -40.73 40.68
C LEU K 1411 -12.76 -40.80 39.94
N GLY K 1412 -13.43 -41.94 40.04
CA GLY K 1412 -14.68 -42.16 39.36
C GLY K 1412 -14.71 -43.38 38.47
N GLN K 1413 -13.57 -44.02 38.24
CA GLN K 1413 -13.55 -45.25 37.46
C GLN K 1413 -14.15 -46.38 38.29
N THR K 1414 -15.08 -47.12 37.69
CA THR K 1414 -15.94 -48.05 38.42
C THR K 1414 -15.46 -49.50 38.38
N ARG K 1415 -14.32 -49.78 37.75
CA ARG K 1415 -13.86 -51.16 37.62
C ARG K 1415 -12.34 -51.17 37.57
N GLN K 1416 -11.78 -52.38 37.48
CA GLN K 1416 -10.34 -52.54 37.39
C GLN K 1416 -9.80 -52.02 36.06
N VAL K 1417 -8.61 -51.44 36.12
CA VAL K 1417 -7.98 -50.81 34.98
C VAL K 1417 -6.86 -51.71 34.50
N THR K 1418 -6.95 -52.15 33.25
CA THR K 1418 -5.91 -52.93 32.60
C THR K 1418 -5.25 -52.05 31.55
N VAL K 1419 -3.95 -51.83 31.68
CA VAL K 1419 -3.20 -51.00 30.76
C VAL K 1419 -2.33 -51.91 29.91
N TYR K 1420 -2.75 -52.12 28.66
CA TYR K 1420 -1.96 -52.85 27.69
C TYR K 1420 -0.95 -51.90 27.08
N ARG K 1421 0.27 -52.38 26.86
CA ARG K 1421 1.34 -51.55 26.31
C ARG K 1421 2.19 -52.44 25.41
N LEU K 1422 1.88 -52.46 24.11
CA LEU K 1422 2.60 -53.33 23.21
C LEU K 1422 3.95 -52.74 22.86
N LEU K 1423 4.85 -53.62 22.43
CA LEU K 1423 6.18 -53.22 22.01
C LEU K 1423 6.69 -54.27 21.03
N VAL K 1424 7.67 -53.88 20.23
CA VAL K 1424 8.30 -54.78 19.28
C VAL K 1424 9.70 -55.12 19.79
N ARG K 1425 10.01 -56.42 19.86
CA ARG K 1425 11.23 -56.86 20.50
C ARG K 1425 12.40 -56.82 19.53
N GLY K 1426 13.59 -56.64 20.10
CA GLY K 1426 14.83 -56.61 19.35
C GLY K 1426 14.95 -55.47 18.36
N THR K 1427 14.44 -54.30 18.74
CA THR K 1427 14.42 -53.13 17.87
C THR K 1427 15.09 -51.98 18.60
N ILE K 1428 15.03 -50.79 17.99
CA ILE K 1428 15.51 -49.57 18.64
C ILE K 1428 14.62 -49.09 19.77
N GLU K 1429 13.39 -49.62 19.84
CA GLU K 1429 12.50 -49.33 20.96
C GLU K 1429 13.07 -49.88 22.26
N GLU K 1430 13.79 -51.01 22.19
CA GLU K 1430 14.41 -51.59 23.38
C GLU K 1430 15.44 -50.65 23.99
N ARG K 1431 16.26 -50.01 23.15
CA ARG K 1431 17.20 -49.01 23.64
C ARG K 1431 16.47 -47.75 24.11
N MET K 1432 15.35 -47.42 23.45
CA MET K 1432 14.61 -46.23 23.84
C MET K 1432 13.82 -46.47 25.13
N ARG K 1433 13.33 -47.68 25.33
CA ARG K 1433 12.66 -48.00 26.59
C ARG K 1433 13.63 -48.09 27.74
N ASP K 1434 14.87 -48.50 27.48
CA ASP K 1434 15.89 -48.53 28.53
C ASP K 1434 16.29 -47.11 28.93
N ARG K 1435 16.38 -46.20 27.96
CA ARG K 1435 16.61 -44.79 28.29
C ARG K 1435 15.39 -44.20 28.98
N ALA K 1436 14.20 -44.68 28.64
CA ALA K 1436 12.99 -44.31 29.38
C ALA K 1436 13.01 -44.90 30.79
N LYS K 1437 13.44 -46.16 30.92
CA LYS K 1437 13.51 -46.79 32.23
C LYS K 1437 14.60 -46.18 33.09
N GLN K 1438 15.66 -45.67 32.46
CA GLN K 1438 16.68 -44.92 33.18
C GLN K 1438 16.11 -43.62 33.73
N LYS K 1439 15.29 -42.92 32.93
CA LYS K 1439 14.61 -41.73 33.43
C LYS K 1439 13.49 -42.09 34.40
N GLU K 1440 12.96 -43.31 34.30
CA GLU K 1440 11.92 -43.77 35.23
C GLU K 1440 12.48 -43.92 36.64
N GLN K 1441 13.59 -44.62 36.78
CA GLN K 1441 14.07 -45.01 38.10
C GLN K 1441 14.73 -43.85 38.84
N VAL K 1442 15.18 -42.83 38.11
CA VAL K 1442 15.72 -41.63 38.76
C VAL K 1442 14.60 -40.85 39.43
N GLN K 1443 13.51 -40.61 38.70
CA GLN K 1443 12.46 -39.70 39.15
C GLN K 1443 11.57 -40.27 40.25
N GLN K 1444 11.40 -41.59 40.31
CA GLN K 1444 10.52 -42.15 41.34
C GLN K 1444 11.21 -42.22 42.70
N VAL K 1445 12.54 -42.33 42.71
CA VAL K 1445 13.28 -42.26 43.97
C VAL K 1445 13.22 -40.84 44.54
N VAL K 1446 13.50 -39.85 43.69
CA VAL K 1446 13.58 -38.47 44.14
C VAL K 1446 12.20 -37.82 44.11
N ARG L 256 -25.28 6.75 27.08
CA ARG L 256 -25.89 6.01 28.17
C ARG L 256 -26.56 4.74 27.67
N LEU L 257 -27.53 4.92 26.76
CA LEU L 257 -28.20 3.77 26.15
C LEU L 257 -27.26 2.99 25.25
N GLU L 258 -26.39 3.71 24.52
CA GLU L 258 -25.40 3.05 23.68
C GLU L 258 -24.36 2.31 24.52
N GLU L 259 -23.95 2.90 25.65
CA GLU L 259 -23.01 2.24 26.54
C GLU L 259 -23.62 0.99 27.17
N GLU L 260 -24.90 1.06 27.54
CA GLU L 260 -25.60 -0.11 28.07
C GLU L 260 -25.76 -1.19 27.02
N LYS L 261 -26.04 -0.79 25.77
CA LYS L 261 -26.15 -1.76 24.68
C LYS L 261 -24.81 -2.42 24.39
N GLN L 262 -23.73 -1.64 24.45
CA GLN L 262 -22.40 -2.20 24.22
C GLN L 262 -21.99 -3.15 25.35
N ASP L 263 -22.33 -2.81 26.60
CA ASP L 263 -22.04 -3.70 27.72
C ASP L 263 -22.85 -4.99 27.63
N THR L 264 -24.12 -4.88 27.23
CA THR L 264 -24.95 -6.07 27.05
C THR L 264 -24.44 -6.94 25.90
N ILE L 265 -23.96 -6.31 24.82
CA ILE L 265 -23.42 -7.06 23.69
C ILE L 265 -22.13 -7.75 24.08
N ASN L 266 -21.30 -7.08 24.88
CA ASN L 266 -20.06 -7.70 25.36
C ASN L 266 -20.36 -8.87 26.30
N LYS L 267 -21.35 -8.72 27.18
CA LYS L 267 -21.74 -9.82 28.06
C LYS L 267 -22.32 -10.98 27.27
N LEU L 268 -23.11 -10.69 26.23
CA LEU L 268 -23.67 -11.75 25.39
C LEU L 268 -22.58 -12.45 24.57
N LEU L 269 -21.58 -11.71 24.11
CA LEU L 269 -20.47 -12.32 23.40
C LEU L 269 -19.63 -13.20 24.32
N LYS L 270 -19.40 -12.75 25.56
CA LYS L 270 -18.67 -13.54 26.52
C LYS L 270 -19.46 -14.77 26.95
N LYS L 271 -20.79 -14.67 26.96
CA LYS L 271 -21.62 -15.83 27.23
C LYS L 271 -21.62 -16.83 26.09
N ARG L 272 -21.70 -16.35 24.85
CA ARG L 272 -21.69 -17.25 23.69
C ARG L 272 -20.35 -17.93 23.49
N ALA L 273 -19.24 -17.20 23.68
CA ALA L 273 -17.93 -17.84 23.56
C ALA L 273 -17.59 -18.65 24.80
N GLY L 274 -18.10 -18.23 25.96
CA GLY L 274 -17.75 -18.90 27.20
C GLY L 274 -18.54 -20.14 27.53
N LYS L 275 -19.77 -20.26 27.02
CA LYS L 275 -20.59 -21.43 27.30
C LYS L 275 -20.73 -22.36 26.12
N SER L 276 -20.41 -21.92 24.92
CA SER L 276 -20.44 -22.79 23.75
C SER L 276 -19.07 -23.02 23.13
N ARG L 277 -18.01 -22.46 23.71
CA ARG L 277 -16.67 -22.67 23.19
C ARG L 277 -15.63 -22.56 24.30
#